data_7H90
#
_entry.id   7H90
#
_cell.length_a   87.390
_cell.length_b   87.390
_cell.length_c   85.783
_cell.angle_alpha   90.00
_cell.angle_beta   90.00
_cell.angle_gamma   120.00
#
_symmetry.space_group_name_H-M   'P 31'
#
loop_
_entity.id
_entity.type
_entity.pdbx_description
1 polymer 'Non-structural protein 3'
2 non-polymer 'DIMETHYL SULFOXIDE'
3 non-polymer 2-AMINO-2-HYDROXYMETHYL-PROPANE-1,3-DIOL
4 non-polymer 'CHLORIDE ION'
5 non-polymer 1-benzofuran-2-sulfonamide
6 water water
#
_entity_poly.entity_id   1
_entity_poly.type   'polypeptide(L)'
_entity_poly.pdbx_seq_one_letter_code
;GAMAPSYRVKRMDIAKNDEECVVNAANPRGLPGDGVCKAVYKKWPESFKNSATPVGTAKTVMCGTYPVIHAVGPNFSNYT
ESEGDRELAAAYREVAKEVTRLGVNSVAIPLLSTGVYSGGKDRLTQSLNHLFTAMDSTDADVVIYCRDKEWEKKISEAIQ
MRT
;
_entity_poly.pdbx_strand_id   A,B,C,D
#
loop_
_chem_comp.id
_chem_comp.type
_chem_comp.name
_chem_comp.formula
CL non-polymer 'CHLORIDE ION' 'Cl -1'
DMS non-polymer 'DIMETHYL SULFOXIDE' 'C2 H6 O S'
EVD non-polymer 1-benzofuran-2-sulfonamide 'C8 H7 N O3 S'
TRS non-polymer 2-AMINO-2-HYDROXYMETHYL-PROPANE-1,3-DIOL 'C4 H12 N O3 1'
#
# COMPACT_ATOMS: atom_id res chain seq x y z
N GLY A 1 12.15 -15.59 14.48
CA GLY A 1 13.44 -15.96 13.79
C GLY A 1 13.18 -16.78 12.54
N ALA A 2 14.13 -16.84 11.60
CA ALA A 2 14.04 -17.78 10.46
C ALA A 2 14.30 -19.20 10.94
N MET A 3 13.71 -20.21 10.29
CA MET A 3 13.85 -21.63 10.72
C MET A 3 15.31 -22.09 10.66
N ALA A 4 16.04 -21.62 9.66
CA ALA A 4 17.46 -21.95 9.43
C ALA A 4 18.15 -20.69 8.92
N PRO A 5 18.41 -19.73 9.84
CA PRO A 5 18.95 -18.43 9.43
C PRO A 5 20.10 -18.54 8.41
N SER A 6 20.01 -17.79 7.30
CA SER A 6 20.95 -17.90 6.16
C SER A 6 21.41 -16.52 5.73
N TYR A 7 22.47 -16.51 4.92
CA TYR A 7 22.89 -15.36 4.07
C TYR A 7 22.69 -15.73 2.61
N ARG A 8 22.20 -14.77 1.84
CA ARG A 8 22.07 -14.89 0.38
C ARG A 8 22.49 -13.57 -0.23
N VAL A 9 22.79 -13.60 -1.53
CA VAL A 9 23.14 -12.36 -2.26
C VAL A 9 22.30 -12.34 -3.53
N LYS A 10 21.74 -11.17 -3.86
CA LYS A 10 21.04 -10.97 -5.14
C LYS A 10 21.56 -9.71 -5.84
N ARG A 11 21.64 -9.77 -7.17
CA ARG A 11 22.12 -8.66 -8.01
C ARG A 11 20.88 -8.02 -8.63
N MET A 12 20.32 -7.06 -7.90
CA MET A 12 19.06 -6.40 -8.31
C MET A 12 18.84 -5.18 -7.41
N ASP A 13 17.89 -4.37 -7.81
CA ASP A 13 17.42 -3.16 -7.06
C ASP A 13 16.83 -3.58 -5.71
N ILE A 14 17.44 -3.12 -4.61
CA ILE A 14 16.96 -3.38 -3.22
C ILE A 14 15.53 -2.84 -3.00
N ALA A 15 15.08 -1.83 -3.79
CA ALA A 15 13.67 -1.36 -3.78
C ALA A 15 12.67 -2.43 -4.22
N LYS A 16 13.09 -3.55 -4.84
CA LYS A 16 12.24 -4.68 -5.29
C LYS A 16 12.49 -5.90 -4.38
N ASN A 17 13.03 -5.70 -3.18
CA ASN A 17 13.34 -6.83 -2.28
C ASN A 17 12.08 -7.63 -1.92
N ASP A 18 12.31 -8.87 -1.50
CA ASP A 18 11.29 -9.84 -1.02
C ASP A 18 11.51 -10.14 0.47
N GLU A 19 11.98 -9.15 1.25
CA GLU A 19 12.23 -9.36 2.69
C GLU A 19 11.23 -8.52 3.53
N GLU A 20 11.20 -8.75 4.84
CA GLU A 20 10.21 -8.11 5.74
C GLU A 20 10.63 -6.67 6.13
N CYS A 21 11.86 -6.26 5.81
CA CYS A 21 12.34 -4.87 6.03
C CYS A 21 13.57 -4.61 5.18
N VAL A 22 13.92 -3.35 5.06
CA VAL A 22 15.04 -2.89 4.20
C VAL A 22 15.98 -2.02 5.01
N VAL A 23 17.27 -2.13 4.75
CA VAL A 23 18.28 -1.16 5.27
C VAL A 23 18.60 -0.21 4.13
N ASN A 24 18.49 1.08 4.42
CA ASN A 24 18.85 2.16 3.48
C ASN A 24 20.29 2.53 3.75
N ALA A 25 21.09 2.69 2.71
CA ALA A 25 22.45 3.31 2.80
C ALA A 25 22.25 4.83 2.78
N ALA A 26 21.86 5.37 3.93
CA ALA A 26 21.37 6.74 4.13
C ALA A 26 22.52 7.75 4.24
N ASN A 27 22.17 9.03 4.07
CA ASN A 27 23.04 10.15 4.47
C ASN A 27 22.59 10.64 5.83
N PRO A 28 23.47 11.35 6.57
CA PRO A 28 23.11 11.77 7.92
C PRO A 28 21.92 12.74 8.04
N ARG A 29 21.55 13.38 6.93
CA ARG A 29 20.56 14.49 6.93
C ARG A 29 19.19 14.01 6.51
N GLY A 30 19.02 12.73 6.18
CA GLY A 30 17.69 12.29 5.72
C GLY A 30 17.32 12.85 4.37
N LEU A 31 18.30 13.21 3.53
CA LEU A 31 18.05 13.73 2.16
C LEU A 31 17.83 12.57 1.18
N PRO A 32 17.10 12.80 0.06
CA PRO A 32 16.91 11.75 -0.94
C PRO A 32 18.20 11.14 -1.47
N GLY A 33 19.29 11.92 -1.60
CA GLY A 33 20.63 11.37 -1.93
C GLY A 33 20.72 10.82 -3.36
N ASP A 34 21.62 9.86 -3.58
CA ASP A 34 21.74 9.15 -4.88
C ASP A 34 21.93 7.66 -4.65
N GLY A 35 21.89 6.89 -5.74
CA GLY A 35 22.16 5.45 -5.68
C GLY A 35 21.08 4.73 -4.90
N VAL A 36 21.47 3.82 -4.00
CA VAL A 36 20.53 3.04 -3.15
C VAL A 36 19.60 4.03 -2.44
N CYS A 37 20.14 5.11 -1.86
CA CYS A 37 19.30 6.06 -1.08
C CYS A 37 18.16 6.66 -1.92
N LYS A 38 18.44 7.03 -3.17
CA LYS A 38 17.41 7.63 -4.07
C LYS A 38 16.36 6.57 -4.45
N ALA A 39 16.78 5.31 -4.66
CA ALA A 39 15.83 4.21 -4.99
C ALA A 39 14.90 4.00 -3.80
N VAL A 40 15.45 4.08 -2.59
CA VAL A 40 14.69 3.89 -1.33
C VAL A 40 13.74 5.09 -1.18
N TYR A 41 14.21 6.30 -1.48
CA TYR A 41 13.34 7.50 -1.40
C TYR A 41 12.18 7.38 -2.38
N LYS A 42 12.41 6.89 -3.60
CA LYS A 42 11.33 6.73 -4.60
C LYS A 42 10.31 5.67 -4.15
N LYS A 43 10.75 4.61 -3.50
CA LYS A 43 9.89 3.46 -3.15
C LYS A 43 9.14 3.74 -1.85
N TRP A 44 9.82 4.32 -0.86
CA TRP A 44 9.30 4.52 0.52
C TRP A 44 9.50 5.96 0.98
N PRO A 45 8.99 6.99 0.26
CA PRO A 45 9.31 8.37 0.65
C PRO A 45 8.83 8.79 2.04
N GLU A 46 7.75 8.16 2.52
CA GLU A 46 7.18 8.42 3.85
C GLU A 46 8.18 8.07 4.97
N SER A 47 9.12 7.17 4.69
CA SER A 47 10.14 6.69 5.67
C SER A 47 11.19 7.78 5.93
N PHE A 48 11.20 8.86 5.14
CA PHE A 48 12.21 9.95 5.33
C PHE A 48 11.70 11.06 6.25
N LYS A 49 10.54 10.89 6.86
CA LYS A 49 10.09 11.77 7.98
C LYS A 49 10.98 11.63 9.22
N ASN A 50 11.80 12.65 9.54
CA ASN A 50 12.69 12.61 10.75
C ASN A 50 13.59 11.37 10.74
N SER A 51 14.18 11.09 9.59
CA SER A 51 15.17 9.99 9.42
C SER A 51 16.63 10.43 9.62
N ALA A 52 16.91 11.73 9.73
CA ALA A 52 18.27 12.24 9.96
C ALA A 52 18.85 11.61 11.23
N THR A 53 20.07 11.11 11.17
CA THR A 53 20.76 10.44 12.28
C THR A 53 22.26 10.53 12.05
N PRO A 54 23.10 10.49 13.08
CA PRO A 54 24.54 10.67 12.88
C PRO A 54 25.23 9.50 12.18
N VAL A 55 26.47 9.72 11.77
CA VAL A 55 27.30 8.64 11.19
C VAL A 55 27.47 7.56 12.27
N GLY A 56 27.45 6.30 11.83
CA GLY A 56 27.69 5.17 12.75
C GLY A 56 26.44 4.70 13.47
N THR A 57 25.27 5.26 13.13
CA THR A 57 23.97 4.93 13.75
C THR A 57 22.96 4.46 12.72
N ALA A 58 21.86 3.90 13.22
CA ALA A 58 20.72 3.50 12.39
C ALA A 58 19.44 3.98 13.06
N LYS A 59 18.53 4.46 12.26
CA LYS A 59 17.23 4.98 12.73
C LYS A 59 16.14 4.38 11.85
N THR A 60 15.17 3.69 12.45
CA THR A 60 14.05 3.07 11.71
C THR A 60 12.85 4.01 11.67
N VAL A 61 12.29 4.17 10.50
CA VAL A 61 11.01 4.87 10.25
C VAL A 61 10.13 3.95 9.42
N MET A 62 8.87 3.83 9.83
N MET A 62 8.88 3.78 9.85
CA MET A 62 7.86 2.96 9.16
CA MET A 62 7.88 2.92 9.17
C MET A 62 7.36 3.65 7.89
C MET A 62 7.37 3.63 7.91
N CYS A 63 7.18 2.87 6.82
CA CYS A 63 6.41 3.27 5.63
C CYS A 63 5.18 2.36 5.65
N GLY A 64 4.01 2.86 6.11
CA GLY A 64 2.89 1.97 6.42
C GLY A 64 3.27 1.09 7.58
N THR A 65 3.35 -0.23 7.41
CA THR A 65 3.90 -1.15 8.43
C THR A 65 5.25 -1.73 7.99
N TYR A 66 5.82 -1.23 6.91
CA TYR A 66 7.10 -1.78 6.35
C TYR A 66 8.25 -0.98 6.94
N PRO A 67 9.16 -1.59 7.74
CA PRO A 67 10.26 -0.85 8.38
C PRO A 67 11.43 -0.53 7.42
N VAL A 68 11.80 0.75 7.37
CA VAL A 68 13.03 1.20 6.67
C VAL A 68 14.07 1.59 7.72
N ILE A 69 15.21 0.89 7.74
CA ILE A 69 16.25 1.08 8.77
C ILE A 69 17.30 1.95 8.06
N HIS A 70 17.33 3.24 8.38
CA HIS A 70 18.31 4.19 7.80
C HIS A 70 19.64 4.05 8.51
N ALA A 71 20.63 3.45 7.84
CA ALA A 71 21.98 3.18 8.38
C ALA A 71 23.00 4.09 7.67
N VAL A 72 23.68 4.88 8.47
CA VAL A 72 24.60 5.96 7.99
C VAL A 72 26.07 5.51 8.13
N GLY A 73 26.61 5.00 7.04
CA GLY A 73 28.04 4.66 6.94
C GLY A 73 28.86 5.93 6.80
N PRO A 74 30.15 5.88 7.18
CA PRO A 74 31.07 7.01 6.98
C PRO A 74 31.37 7.25 5.50
N ASN A 75 31.59 8.53 5.16
CA ASN A 75 32.19 8.90 3.86
C ASN A 75 33.71 8.89 4.00
N PHE A 76 34.38 7.93 3.38
CA PHE A 76 35.85 7.73 3.47
C PHE A 76 36.58 8.89 2.78
N SER A 77 35.88 9.75 2.05
CA SER A 77 36.48 11.05 1.59
C SER A 77 36.81 11.96 2.80
N ASN A 78 36.08 11.85 3.91
CA ASN A 78 36.17 12.79 5.05
C ASN A 78 36.83 12.16 6.26
N TYR A 79 36.63 10.86 6.48
CA TYR A 79 37.16 10.12 7.65
C TYR A 79 38.55 9.58 7.30
N THR A 80 39.44 9.47 8.26
CA THR A 80 40.66 8.64 8.17
C THR A 80 40.26 7.17 7.98
N GLU A 81 41.14 6.36 7.40
CA GLU A 81 40.87 4.89 7.26
C GLU A 81 40.49 4.29 8.61
N SER A 82 41.17 4.69 9.68
CA SER A 82 41.00 4.16 11.04
C SER A 82 39.63 4.54 11.63
N GLU A 83 39.30 5.83 11.62
CA GLU A 83 38.01 6.31 12.17
C GLU A 83 36.86 5.80 11.29
N GLY A 84 37.03 5.81 9.97
CA GLY A 84 36.01 5.34 9.03
C GLY A 84 35.73 3.85 9.26
N ASP A 85 36.76 3.07 9.48
CA ASP A 85 36.58 1.61 9.74
C ASP A 85 35.75 1.44 11.01
N ARG A 86 36.03 2.19 12.07
CA ARG A 86 35.30 2.14 13.36
C ARG A 86 33.82 2.53 13.16
N GLU A 87 33.54 3.58 12.39
CA GLU A 87 32.14 4.06 12.21
C GLU A 87 31.41 3.04 11.34
N LEU A 88 32.07 2.38 10.37
CA LEU A 88 31.40 1.46 9.45
C LEU A 88 30.98 0.22 10.27
N ALA A 89 31.88 -0.27 11.10
CA ALA A 89 31.58 -1.37 12.04
C ALA A 89 30.40 -1.00 12.93
N ALA A 90 30.39 0.23 13.49
CA ALA A 90 29.35 0.68 14.42
C ALA A 90 27.99 0.76 13.71
N ALA A 91 27.93 1.27 12.47
CA ALA A 91 26.65 1.38 11.75
C ALA A 91 26.00 -0.03 11.65
N TYR A 92 26.78 -1.04 11.27
CA TYR A 92 26.24 -2.40 11.15
C TYR A 92 25.82 -2.93 12.53
N ARG A 93 26.55 -2.66 13.62
CA ARG A 93 26.07 -3.11 14.97
C ARG A 93 24.70 -2.49 15.25
N GLU A 94 24.45 -1.21 14.89
CA GLU A 94 23.14 -0.54 15.14
C GLU A 94 22.08 -1.21 14.25
N VAL A 95 22.40 -1.65 13.03
CA VAL A 95 21.40 -2.35 12.16
C VAL A 95 20.99 -3.66 12.87
N ALA A 96 21.94 -4.41 13.37
CA ALA A 96 21.63 -5.70 14.07
C ALA A 96 20.67 -5.45 15.24
N LYS A 97 20.88 -4.39 16.04
CA LYS A 97 19.96 -4.04 17.17
C LYS A 97 18.56 -3.75 16.63
N GLU A 98 18.44 -2.97 15.55
CA GLU A 98 17.13 -2.62 14.98
C GLU A 98 16.41 -3.85 14.43
N VAL A 99 17.12 -4.69 13.67
CA VAL A 99 16.56 -5.92 13.09
C VAL A 99 16.02 -6.79 14.24
N THR A 100 16.80 -6.88 15.31
CA THR A 100 16.36 -7.71 16.49
C THR A 100 15.11 -7.10 17.12
N ARG A 101 15.13 -5.81 17.43
CA ARG A 101 14.01 -5.09 18.07
C ARG A 101 12.71 -5.27 17.26
N LEU A 102 12.80 -5.23 15.94
CA LEU A 102 11.62 -5.25 15.04
C LEU A 102 10.99 -6.64 15.03
N GLY A 103 11.77 -7.68 15.31
CA GLY A 103 11.27 -9.07 15.36
C GLY A 103 11.03 -9.62 13.97
N VAL A 104 11.61 -9.01 12.93
CA VAL A 104 11.50 -9.51 11.53
C VAL A 104 12.18 -10.88 11.37
N ASN A 105 11.73 -11.68 10.39
CA ASN A 105 12.36 -12.96 10.05
C ASN A 105 13.32 -12.78 8.86
N SER A 106 13.33 -11.60 8.22
CA SER A 106 14.27 -11.38 7.07
C SER A 106 14.54 -9.87 6.91
N VAL A 107 15.67 -9.55 6.30
CA VAL A 107 16.12 -8.14 6.08
C VAL A 107 16.88 -8.09 4.75
N ALA A 108 16.62 -7.07 3.95
CA ALA A 108 17.38 -6.70 2.72
C ALA A 108 18.43 -5.69 3.14
N ILE A 109 19.71 -5.91 2.79
N ILE A 109 19.71 -5.95 2.87
CA ILE A 109 20.83 -5.05 3.27
CA ILE A 109 20.84 -5.05 3.27
C ILE A 109 21.84 -4.78 2.15
C ILE A 109 21.71 -4.76 2.05
N PRO A 110 22.16 -3.50 1.87
CA PRO A 110 23.24 -3.16 0.95
C PRO A 110 24.60 -3.09 1.65
N LEU A 111 25.71 -3.10 0.88
CA LEU A 111 27.04 -2.98 1.51
C LEU A 111 27.33 -1.49 1.73
N LEU A 112 27.27 -1.07 3.00
CA LEU A 112 27.48 0.32 3.42
C LEU A 112 28.88 0.79 3.03
N SER A 113 28.94 2.07 2.65
CA SER A 113 30.19 2.80 2.32
C SER A 113 30.95 2.18 1.11
N THR A 114 30.30 1.48 0.19
CA THR A 114 30.99 0.82 -0.96
C THR A 114 30.79 1.60 -2.27
N GLY A 115 29.93 2.63 -2.26
CA GLY A 115 29.58 3.41 -3.46
C GLY A 115 30.25 4.79 -3.40
N VAL A 116 29.45 5.86 -3.42
CA VAL A 116 30.01 7.24 -3.39
C VAL A 116 30.62 7.59 -2.02
N TYR A 117 30.40 6.82 -0.94
CA TYR A 117 31.10 7.01 0.35
C TYR A 117 32.40 6.18 0.43
N SER A 118 32.81 5.50 -0.64
CA SER A 118 34.00 4.59 -0.61
C SER A 118 35.32 5.35 -0.67
N GLY A 119 35.29 6.67 -0.91
CA GLY A 119 36.55 7.41 -1.10
C GLY A 119 37.39 6.84 -2.24
N GLY A 120 36.72 6.28 -3.26
CA GLY A 120 37.33 5.74 -4.49
C GLY A 120 38.01 4.38 -4.34
N LYS A 121 37.79 3.66 -3.23
CA LYS A 121 38.48 2.37 -2.93
C LYS A 121 37.45 1.23 -2.96
N ASP A 122 37.91 0.04 -3.33
CA ASP A 122 37.15 -1.23 -3.30
C ASP A 122 37.05 -1.64 -1.83
N ARG A 123 35.84 -1.62 -1.27
CA ARG A 123 35.65 -1.89 0.17
C ARG A 123 34.70 -3.08 0.32
N LEU A 124 34.55 -3.92 -0.72
CA LEU A 124 33.65 -5.10 -0.66
C LEU A 124 33.95 -5.89 0.62
N THR A 125 35.18 -6.41 0.75
CA THR A 125 35.59 -7.32 1.85
C THR A 125 35.42 -6.60 3.19
N GLN A 126 35.87 -5.35 3.27
CA GLN A 126 35.85 -4.57 4.52
C GLN A 126 34.38 -4.47 4.98
N SER A 127 33.52 -4.03 4.08
CA SER A 127 32.10 -3.74 4.42
C SER A 127 31.38 -5.06 4.71
N LEU A 128 31.59 -6.08 3.88
CA LEU A 128 30.93 -7.40 4.08
C LEU A 128 31.35 -8.01 5.44
N ASN A 129 32.62 -7.92 5.84
CA ASN A 129 33.12 -8.55 7.09
C ASN A 129 32.48 -7.83 8.26
N HIS A 130 32.30 -6.51 8.19
CA HIS A 130 31.62 -5.80 9.29
C HIS A 130 30.13 -6.21 9.34
N LEU A 131 29.50 -6.41 8.20
CA LEU A 131 28.11 -6.89 8.10
C LEU A 131 28.04 -8.24 8.84
N PHE A 132 28.93 -9.17 8.50
CA PHE A 132 28.92 -10.52 9.15
C PHE A 132 29.10 -10.38 10.66
N THR A 133 30.07 -9.58 11.13
CA THR A 133 30.38 -9.44 12.57
C THR A 133 29.10 -9.06 13.35
N ALA A 134 28.33 -8.14 12.80
CA ALA A 134 27.10 -7.61 13.40
C ALA A 134 25.96 -8.62 13.28
N MET A 135 25.77 -9.21 12.10
CA MET A 135 24.52 -9.95 11.83
C MET A 135 24.65 -11.42 12.21
N ASP A 136 25.85 -11.92 12.47
CA ASP A 136 26.02 -13.38 12.71
C ASP A 136 25.20 -13.82 13.91
N SER A 137 25.06 -12.98 14.94
CA SER A 137 24.34 -13.36 16.18
C SER A 137 22.83 -13.12 16.05
N THR A 138 22.34 -12.60 14.92
CA THR A 138 20.88 -12.42 14.68
C THR A 138 20.31 -13.67 14.01
N ASP A 139 19.00 -13.90 14.10
CA ASP A 139 18.39 -15.10 13.46
C ASP A 139 17.50 -14.69 12.30
N ALA A 140 17.62 -13.46 11.79
CA ALA A 140 16.92 -13.09 10.54
C ALA A 140 17.64 -13.69 9.31
N ASP A 141 16.90 -14.13 8.28
CA ASP A 141 17.46 -14.38 6.93
C ASP A 141 17.99 -13.05 6.38
N VAL A 142 19.28 -13.01 6.02
CA VAL A 142 19.91 -11.76 5.51
C VAL A 142 20.08 -11.91 4.00
N VAL A 143 19.55 -10.99 3.22
CA VAL A 143 19.70 -10.99 1.74
C VAL A 143 20.44 -9.71 1.36
N ILE A 144 21.66 -9.89 0.90
CA ILE A 144 22.57 -8.77 0.54
C ILE A 144 22.28 -8.41 -0.90
N TYR A 145 22.13 -7.11 -1.20
CA TYR A 145 21.80 -6.62 -2.56
C TYR A 145 23.03 -5.90 -3.12
N CYS A 146 23.39 -6.18 -4.37
CA CYS A 146 24.50 -5.51 -5.12
C CYS A 146 24.01 -5.27 -6.55
N ARG A 147 24.80 -4.56 -7.36
CA ARG A 147 24.45 -4.22 -8.76
C ARG A 147 25.48 -4.79 -9.74
N ASP A 148 26.72 -5.00 -9.30
CA ASP A 148 27.84 -5.45 -10.19
C ASP A 148 27.93 -6.99 -10.26
N LYS A 149 28.08 -7.56 -11.45
CA LYS A 149 28.20 -9.04 -11.64
C LYS A 149 29.43 -9.61 -10.93
N GLU A 150 30.56 -8.92 -10.95
CA GLU A 150 31.78 -9.43 -10.28
C GLU A 150 31.60 -9.39 -8.75
N TRP A 151 30.99 -8.33 -8.23
CA TRP A 151 30.65 -8.22 -6.78
C TRP A 151 29.73 -9.38 -6.37
N GLU A 152 28.71 -9.71 -7.18
CA GLU A 152 27.77 -10.82 -6.89
C GLU A 152 28.59 -12.10 -6.68
N LYS A 153 29.52 -12.39 -7.60
CA LYS A 153 30.34 -13.63 -7.51
C LYS A 153 31.19 -13.60 -6.24
N LYS A 154 31.87 -12.49 -5.94
CA LYS A 154 32.73 -12.41 -4.75
C LYS A 154 31.93 -12.49 -3.44
N ILE A 155 30.78 -11.84 -3.37
CA ILE A 155 29.93 -11.93 -2.15
C ILE A 155 29.44 -13.37 -2.00
N SER A 156 29.02 -14.00 -3.09
CA SER A 156 28.52 -15.40 -3.04
C SER A 156 29.66 -16.31 -2.53
N GLU A 157 30.88 -16.12 -3.04
CA GLU A 157 32.05 -16.96 -2.63
C GLU A 157 32.33 -16.78 -1.14
N ALA A 158 32.27 -15.55 -0.63
CA ALA A 158 32.55 -15.24 0.79
C ALA A 158 31.50 -15.91 1.68
N ILE A 159 30.23 -15.93 1.24
CA ILE A 159 29.16 -16.61 2.03
C ILE A 159 29.44 -18.11 2.06
N GLN A 160 29.73 -18.69 0.88
CA GLN A 160 29.95 -20.15 0.70
C GLN A 160 31.19 -20.58 1.50
N MET A 161 32.20 -19.73 1.62
CA MET A 161 33.47 -20.05 2.36
C MET A 161 33.16 -20.52 3.79
N ARG A 162 32.21 -19.86 4.45
CA ARG A 162 31.86 -20.10 5.88
C ARG A 162 30.92 -21.32 5.99
N THR A 163 30.25 -21.70 4.90
CA THR A 163 29.35 -22.89 4.81
C THR A 163 30.19 -24.16 4.64
N GLY B 1 -1.69 -32.81 -11.73
CA GLY B 1 -2.64 -32.08 -12.64
C GLY B 1 -3.76 -31.41 -11.86
N ALA B 2 -4.53 -30.57 -12.55
CA ALA B 2 -5.78 -29.98 -12.02
C ALA B 2 -6.84 -31.08 -12.00
N MET B 3 -7.82 -31.05 -11.10
CA MET B 3 -8.78 -32.18 -10.98
C MET B 3 -9.66 -32.25 -12.24
N ALA B 4 -9.97 -31.09 -12.84
CA ALA B 4 -10.69 -31.03 -14.13
C ALA B 4 -10.01 -29.97 -15.00
N PRO B 5 -8.90 -30.34 -15.69
CA PRO B 5 -8.12 -29.37 -16.43
C PRO B 5 -9.01 -28.46 -17.29
N SER B 6 -8.81 -27.14 -17.17
CA SER B 6 -9.60 -26.09 -17.85
C SER B 6 -8.67 -25.04 -18.47
N TYR B 7 -9.28 -24.26 -19.35
CA TYR B 7 -8.82 -22.93 -19.80
C TYR B 7 -9.75 -21.86 -19.20
N ARG B 8 -9.15 -20.77 -18.73
CA ARG B 8 -9.87 -19.55 -18.31
C ARG B 8 -9.13 -18.35 -18.86
N VAL B 9 -9.79 -17.19 -18.89
CA VAL B 9 -9.14 -15.92 -19.30
C VAL B 9 -9.30 -14.88 -18.19
N LYS B 10 -8.29 -14.04 -17.98
CA LYS B 10 -8.30 -12.91 -17.02
C LYS B 10 -7.81 -11.66 -17.74
N ARG B 11 -8.52 -10.53 -17.62
CA ARG B 11 -8.11 -9.24 -18.23
C ARG B 11 -7.46 -8.39 -17.13
N MET B 12 -6.17 -8.63 -16.85
CA MET B 12 -5.38 -7.96 -15.77
C MET B 12 -3.89 -8.18 -16.02
N ASP B 13 -3.06 -7.44 -15.28
CA ASP B 13 -1.57 -7.54 -15.27
C ASP B 13 -1.18 -8.97 -14.84
N ILE B 14 -0.63 -9.74 -15.78
CA ILE B 14 -0.17 -11.12 -15.52
C ILE B 14 0.87 -11.14 -14.37
N ALA B 15 1.50 -10.02 -13.98
CA ALA B 15 2.44 -9.99 -12.82
C ALA B 15 1.70 -10.21 -11.48
N LYS B 16 0.37 -10.09 -11.47
CA LYS B 16 -0.50 -10.33 -10.27
C LYS B 16 -1.29 -11.65 -10.33
N ASN B 17 -0.73 -12.64 -11.05
CA ASN B 17 -1.27 -14.02 -11.24
C ASN B 17 -1.27 -14.79 -9.92
N ASP B 18 -2.38 -15.48 -9.65
CA ASP B 18 -2.56 -16.43 -8.51
C ASP B 18 -2.24 -17.85 -8.98
N GLU B 19 -1.65 -18.00 -10.17
CA GLU B 19 -1.27 -19.36 -10.68
C GLU B 19 0.09 -19.80 -10.17
N GLU B 20 0.45 -21.07 -10.36
CA GLU B 20 1.66 -21.70 -9.79
C GLU B 20 2.92 -21.38 -10.59
N CYS B 21 2.78 -20.82 -11.80
CA CYS B 21 3.93 -20.29 -12.57
C CYS B 21 3.42 -19.33 -13.64
N VAL B 22 4.34 -18.58 -14.26
CA VAL B 22 3.98 -17.58 -15.29
C VAL B 22 4.89 -17.80 -16.52
N VAL B 23 4.28 -17.53 -17.67
CA VAL B 23 4.97 -17.47 -18.99
C VAL B 23 5.18 -15.98 -19.30
N ASN B 24 6.42 -15.62 -19.45
CA ASN B 24 6.84 -14.27 -19.90
C ASN B 24 6.86 -14.28 -21.44
N ALA B 25 6.33 -13.23 -22.04
CA ALA B 25 6.47 -13.00 -23.50
C ALA B 25 7.83 -12.29 -23.66
N ALA B 26 8.88 -13.09 -23.67
CA ALA B 26 10.29 -12.65 -23.54
C ALA B 26 10.85 -12.19 -24.90
N ASN B 27 11.92 -11.43 -24.83
CA ASN B 27 12.82 -11.19 -25.97
C ASN B 27 14.01 -12.14 -25.88
N PRO B 28 14.73 -12.39 -26.98
CA PRO B 28 15.81 -13.38 -26.97
C PRO B 28 17.01 -13.05 -26.07
N ARG B 29 17.15 -11.80 -25.63
CA ARG B 29 18.41 -11.36 -24.98
C ARG B 29 18.19 -11.20 -23.49
N GLY B 30 16.99 -11.54 -22.99
CA GLY B 30 16.62 -11.40 -21.58
C GLY B 30 16.64 -9.95 -21.11
N LEU B 31 16.25 -9.02 -21.98
CA LEU B 31 16.14 -7.58 -21.65
C LEU B 31 14.77 -7.29 -21.08
N PRO B 32 14.62 -6.17 -20.33
CA PRO B 32 13.31 -5.77 -19.81
C PRO B 32 12.10 -5.61 -20.77
N GLY B 33 12.29 -5.04 -21.95
CA GLY B 33 11.26 -5.07 -23.01
C GLY B 33 9.99 -4.26 -22.75
N ASP B 34 8.88 -4.59 -23.42
CA ASP B 34 7.60 -3.83 -23.36
C ASP B 34 6.44 -4.74 -22.93
N GLY B 35 5.27 -4.13 -22.68
CA GLY B 35 4.02 -4.84 -22.36
C GLY B 35 4.24 -5.86 -21.26
N VAL B 36 3.90 -7.12 -21.52
CA VAL B 36 3.97 -8.22 -20.50
C VAL B 36 5.40 -8.33 -19.95
N CYS B 37 6.40 -8.30 -20.82
CA CYS B 37 7.80 -8.48 -20.41
C CYS B 37 8.17 -7.42 -19.37
N LYS B 38 7.73 -6.18 -19.60
CA LYS B 38 8.09 -5.08 -18.67
C LYS B 38 7.39 -5.34 -17.33
N ALA B 39 6.12 -5.74 -17.38
CA ALA B 39 5.31 -6.11 -16.19
C ALA B 39 6.03 -7.21 -15.42
N VAL B 40 6.55 -8.23 -16.11
CA VAL B 40 7.32 -9.35 -15.52
C VAL B 40 8.68 -8.89 -14.99
N TYR B 41 9.42 -8.02 -15.67
CA TYR B 41 10.73 -7.55 -15.19
C TYR B 41 10.59 -6.74 -13.89
N LYS B 42 9.48 -6.03 -13.73
CA LYS B 42 9.18 -5.19 -12.54
C LYS B 42 9.23 -6.06 -11.29
N LYS B 43 8.73 -7.30 -11.37
CA LYS B 43 8.57 -8.17 -10.16
C LYS B 43 9.72 -9.19 -10.00
N TRP B 44 10.10 -9.84 -11.10
CA TRP B 44 11.07 -10.96 -11.10
C TRP B 44 12.31 -10.61 -11.92
N PRO B 45 12.97 -9.45 -11.66
CA PRO B 45 14.19 -9.12 -12.37
C PRO B 45 15.25 -10.20 -12.29
N GLU B 46 15.41 -10.87 -11.14
CA GLU B 46 16.47 -11.92 -10.99
C GLU B 46 16.00 -13.19 -11.72
N SER B 47 14.73 -13.26 -12.15
CA SER B 47 14.29 -14.28 -13.15
C SER B 47 14.92 -13.98 -14.52
N PHE B 48 15.46 -12.78 -14.75
CA PHE B 48 16.19 -12.45 -16.00
C PHE B 48 17.67 -12.83 -15.94
N LYS B 49 18.18 -13.37 -14.82
CA LYS B 49 19.58 -13.87 -14.79
C LYS B 49 19.70 -15.06 -15.74
N ASN B 50 20.51 -14.89 -16.78
CA ASN B 50 20.82 -15.91 -17.81
C ASN B 50 19.49 -16.38 -18.41
N SER B 51 18.52 -15.48 -18.65
CA SER B 51 17.22 -15.86 -19.28
C SER B 51 17.32 -15.82 -20.82
N ALA B 52 18.40 -15.30 -21.40
CA ALA B 52 18.55 -15.20 -22.88
C ALA B 52 18.38 -16.59 -23.52
N THR B 53 17.58 -16.70 -24.58
CA THR B 53 17.28 -17.99 -25.28
C THR B 53 16.80 -17.65 -26.70
N PRO B 54 17.00 -18.54 -27.70
CA PRO B 54 16.61 -18.22 -29.07
C PRO B 54 15.11 -18.12 -29.31
N VAL B 55 14.76 -17.49 -30.42
CA VAL B 55 13.36 -17.48 -30.90
C VAL B 55 12.88 -18.92 -31.05
N GLY B 56 11.64 -19.17 -30.62
CA GLY B 56 10.99 -20.48 -30.76
C GLY B 56 11.30 -21.38 -29.58
N THR B 57 11.92 -20.86 -28.54
CA THR B 57 12.31 -21.65 -27.32
C THR B 57 11.77 -21.03 -26.03
N ALA B 58 11.77 -21.82 -24.97
CA ALA B 58 11.38 -21.36 -23.61
C ALA B 58 12.49 -21.76 -22.66
N LYS B 59 12.79 -20.86 -21.73
CA LYS B 59 13.84 -21.04 -20.69
C LYS B 59 13.22 -20.65 -19.33
N THR B 60 13.23 -21.58 -18.37
CA THR B 60 12.65 -21.31 -17.03
C THR B 60 13.77 -20.89 -16.09
N VAL B 61 13.56 -19.78 -15.40
CA VAL B 61 14.45 -19.36 -14.30
C VAL B 61 13.63 -19.33 -13.03
N MET B 62 14.11 -20.01 -11.99
CA MET B 62 13.44 -20.05 -10.66
C MET B 62 13.79 -18.79 -9.87
N CYS B 63 12.75 -18.12 -9.34
CA CYS B 63 12.85 -17.08 -8.29
C CYS B 63 12.40 -17.69 -6.96
N GLY B 64 13.29 -18.43 -6.30
CA GLY B 64 12.98 -19.28 -5.15
C GLY B 64 12.26 -20.54 -5.60
N THR B 65 10.95 -20.63 -5.34
CA THR B 65 10.09 -21.77 -5.73
C THR B 65 9.24 -21.42 -6.94
N TYR B 66 9.11 -20.12 -7.25
CA TYR B 66 8.23 -19.60 -8.36
C TYR B 66 8.93 -19.72 -9.72
N PRO B 67 8.38 -20.50 -10.68
CA PRO B 67 8.94 -20.58 -12.03
C PRO B 67 8.40 -19.50 -12.98
N VAL B 68 9.37 -18.82 -13.61
CA VAL B 68 9.16 -17.87 -14.73
C VAL B 68 9.69 -18.52 -16.00
N ILE B 69 8.76 -18.83 -16.91
CA ILE B 69 9.04 -19.53 -18.19
C ILE B 69 9.14 -18.45 -19.29
N HIS B 70 10.36 -18.11 -19.64
CA HIS B 70 10.65 -17.08 -20.68
C HIS B 70 10.45 -17.71 -22.06
N ALA B 71 9.34 -17.36 -22.71
CA ALA B 71 8.99 -17.92 -24.04
C ALA B 71 9.20 -16.85 -25.10
N VAL B 72 10.04 -17.17 -26.10
CA VAL B 72 10.46 -16.15 -27.11
C VAL B 72 9.67 -16.40 -28.40
N GLY B 73 8.63 -15.63 -28.63
CA GLY B 73 7.90 -15.65 -29.91
C GLY B 73 8.61 -14.77 -30.92
N PRO B 74 8.37 -15.03 -32.21
CA PRO B 74 9.04 -14.27 -33.27
C PRO B 74 8.48 -12.83 -33.35
N ASN B 75 9.35 -11.92 -33.80
CA ASN B 75 8.96 -10.55 -34.18
C ASN B 75 8.58 -10.58 -35.65
N PHE B 76 7.30 -10.47 -35.97
CA PHE B 76 6.79 -10.53 -37.36
C PHE B 76 7.26 -9.28 -38.13
N SER B 77 7.86 -8.27 -37.50
CA SER B 77 8.58 -7.22 -38.26
C SER B 77 9.80 -7.83 -38.98
N ASN B 78 10.40 -8.89 -38.45
CA ASN B 78 11.68 -9.47 -38.92
C ASN B 78 11.45 -10.80 -39.63
N TYR B 79 10.49 -11.61 -39.18
CA TYR B 79 10.22 -12.95 -39.77
C TYR B 79 9.17 -12.78 -40.88
N THR B 80 9.21 -13.62 -41.89
CA THR B 80 8.11 -13.78 -42.85
C THR B 80 6.89 -14.41 -42.15
N GLU B 81 5.71 -14.29 -42.73
CA GLU B 81 4.50 -14.98 -42.21
C GLU B 81 4.79 -16.48 -42.05
N SER B 82 5.44 -17.10 -43.06
CA SER B 82 5.69 -18.56 -43.02
C SER B 82 6.65 -18.90 -41.87
N GLU B 83 7.78 -18.24 -41.79
CA GLU B 83 8.82 -18.65 -40.82
C GLU B 83 8.37 -18.28 -39.40
N GLY B 84 7.68 -17.16 -39.28
CA GLY B 84 7.11 -16.69 -38.01
C GLY B 84 6.09 -17.69 -37.50
N ASP B 85 5.21 -18.16 -38.38
CA ASP B 85 4.15 -19.11 -37.91
C ASP B 85 4.80 -20.34 -37.30
N ARG B 86 5.91 -20.83 -37.88
CA ARG B 86 6.58 -22.06 -37.40
C ARG B 86 7.20 -21.75 -36.02
N GLU B 87 7.88 -20.60 -35.88
CA GLU B 87 8.58 -20.25 -34.62
C GLU B 87 7.56 -19.98 -33.51
N LEU B 88 6.38 -19.46 -33.81
CA LEU B 88 5.35 -19.15 -32.80
C LEU B 88 4.79 -20.49 -32.29
N ALA B 89 4.52 -21.43 -33.19
CA ALA B 89 4.07 -22.77 -32.78
C ALA B 89 5.13 -23.39 -31.88
N ALA B 90 6.41 -23.27 -32.26
CA ALA B 90 7.53 -23.89 -31.55
C ALA B 90 7.64 -23.34 -30.13
N ALA B 91 7.51 -22.02 -29.96
CA ALA B 91 7.64 -21.40 -28.64
C ALA B 91 6.58 -22.03 -27.74
N TYR B 92 5.34 -22.11 -28.20
CA TYR B 92 4.28 -22.69 -27.35
C TYR B 92 4.55 -24.18 -27.09
N ARG B 93 5.05 -24.94 -28.05
CA ARG B 93 5.39 -26.36 -27.74
C ARG B 93 6.42 -26.46 -26.60
N GLU B 94 7.44 -25.58 -26.58
N GLU B 94 7.42 -25.57 -26.58
CA GLU B 94 8.47 -25.56 -25.51
CA GLU B 94 8.47 -25.57 -25.52
C GLU B 94 7.80 -25.19 -24.17
C GLU B 94 7.83 -25.16 -24.18
N VAL B 95 6.83 -24.26 -24.19
CA VAL B 95 6.08 -23.88 -22.96
C VAL B 95 5.37 -25.13 -22.41
N ALA B 96 4.70 -25.90 -23.24
CA ALA B 96 3.98 -27.14 -22.80
C ALA B 96 4.96 -28.12 -22.14
N LYS B 97 6.14 -28.34 -22.74
CA LYS B 97 7.17 -29.24 -22.19
C LYS B 97 7.63 -28.72 -20.82
N GLU B 98 7.88 -27.42 -20.67
CA GLU B 98 8.31 -26.84 -19.38
C GLU B 98 7.22 -26.97 -18.31
N VAL B 99 5.97 -26.63 -18.63
CA VAL B 99 4.84 -26.74 -17.69
C VAL B 99 4.77 -28.20 -17.23
N THR B 100 4.95 -29.14 -18.14
CA THR B 100 4.86 -30.60 -17.79
C THR B 100 6.03 -30.91 -16.85
N ARG B 101 7.23 -30.50 -17.24
CA ARG B 101 8.45 -30.84 -16.46
C ARG B 101 8.34 -30.29 -15.05
N LEU B 102 7.77 -29.10 -14.88
CA LEU B 102 7.73 -28.42 -13.56
C LEU B 102 6.71 -29.10 -12.65
N GLY B 103 5.72 -29.80 -13.20
CA GLY B 103 4.69 -30.48 -12.38
C GLY B 103 3.67 -29.54 -11.75
N VAL B 104 3.55 -28.29 -12.23
CA VAL B 104 2.54 -27.32 -11.74
C VAL B 104 1.12 -27.82 -12.09
N ASN B 105 0.13 -27.39 -11.32
CA ASN B 105 -1.31 -27.63 -11.55
C ASN B 105 -1.96 -26.44 -12.24
N SER B 106 -1.24 -25.32 -12.39
CA SER B 106 -1.76 -24.10 -13.04
C SER B 106 -0.61 -23.28 -13.63
N VAL B 107 -0.96 -22.47 -14.61
CA VAL B 107 0.01 -21.59 -15.36
C VAL B 107 -0.77 -20.40 -15.92
N ALA B 108 -0.19 -19.21 -15.76
CA ALA B 108 -0.62 -17.93 -16.34
C ALA B 108 0.15 -17.73 -17.65
N ILE B 109 -0.55 -17.56 -18.76
N ILE B 109 -0.58 -17.58 -18.76
CA ILE B 109 0.10 -17.45 -20.08
CA ILE B 109 -0.01 -17.50 -20.14
C ILE B 109 -0.50 -16.29 -20.86
C ILE B 109 -0.53 -16.23 -20.83
N PRO B 110 0.35 -15.42 -21.46
CA PRO B 110 -0.12 -14.38 -22.37
C PRO B 110 -0.14 -14.89 -23.82
N LEU B 111 -0.73 -14.13 -24.74
CA LEU B 111 -0.73 -14.47 -26.20
C LEU B 111 0.59 -13.95 -26.80
N LEU B 112 1.52 -14.86 -27.07
CA LEU B 112 2.83 -14.54 -27.68
C LEU B 112 2.65 -13.92 -29.06
N SER B 113 3.51 -12.94 -29.33
CA SER B 113 3.66 -12.21 -30.62
C SER B 113 2.40 -11.37 -30.95
N THR B 114 1.59 -10.94 -29.96
CA THR B 114 0.35 -10.16 -30.23
C THR B 114 0.55 -8.67 -29.91
N GLY B 115 1.67 -8.29 -29.29
CA GLY B 115 1.97 -6.89 -28.94
C GLY B 115 2.92 -6.29 -29.97
N VAL B 116 4.03 -5.72 -29.47
CA VAL B 116 5.11 -5.08 -30.28
C VAL B 116 5.62 -6.07 -31.35
N TYR B 117 5.63 -7.38 -31.08
CA TYR B 117 6.12 -8.39 -32.05
C TYR B 117 5.06 -8.77 -33.12
N SER B 118 3.85 -8.20 -33.15
CA SER B 118 2.77 -8.54 -34.13
C SER B 118 3.02 -8.03 -35.55
N GLY B 119 4.00 -7.14 -35.77
CA GLY B 119 4.21 -6.52 -37.08
C GLY B 119 2.99 -5.72 -37.51
N GLY B 120 2.22 -5.18 -36.57
CA GLY B 120 1.05 -4.32 -36.84
C GLY B 120 -0.21 -5.09 -37.24
N LYS B 121 -0.28 -6.41 -37.02
CA LYS B 121 -1.42 -7.25 -37.42
C LYS B 121 -2.11 -7.81 -36.15
N ASP B 122 -3.44 -7.96 -36.22
CA ASP B 122 -4.26 -8.66 -35.19
C ASP B 122 -3.95 -10.17 -35.28
N ARG B 123 -3.29 -10.72 -34.27
CA ARG B 123 -2.87 -12.15 -34.28
C ARG B 123 -3.55 -12.93 -33.15
N LEU B 124 -4.67 -12.43 -32.64
CA LEU B 124 -5.35 -13.13 -31.50
C LEU B 124 -5.61 -14.58 -31.92
N THR B 125 -6.28 -14.78 -33.06
CA THR B 125 -6.72 -16.12 -33.50
C THR B 125 -5.50 -16.99 -33.70
N GLN B 126 -4.53 -16.51 -34.43
CA GLN B 126 -3.28 -17.26 -34.75
C GLN B 126 -2.58 -17.68 -33.45
N SER B 127 -2.34 -16.76 -32.53
CA SER B 127 -1.58 -17.01 -31.29
C SER B 127 -2.38 -17.98 -30.42
N LEU B 128 -3.69 -17.74 -30.25
CA LEU B 128 -4.53 -18.64 -29.42
C LEU B 128 -4.55 -20.06 -30.00
N ASN B 129 -4.62 -20.20 -31.32
CA ASN B 129 -4.62 -21.53 -31.99
C ASN B 129 -3.34 -22.30 -31.62
N HIS B 130 -2.17 -21.64 -31.64
CA HIS B 130 -0.88 -22.28 -31.32
C HIS B 130 -0.83 -22.61 -29.82
N LEU B 131 -1.41 -21.75 -28.99
CA LEU B 131 -1.48 -21.96 -27.53
C LEU B 131 -2.29 -23.24 -27.29
N PHE B 132 -3.48 -23.36 -27.86
CA PHE B 132 -4.32 -24.57 -27.71
C PHE B 132 -3.56 -25.79 -28.25
N THR B 133 -2.98 -25.72 -29.46
CA THR B 133 -2.30 -26.90 -30.06
C THR B 133 -1.28 -27.47 -29.06
N ALA B 134 -0.52 -26.62 -28.40
CA ALA B 134 0.54 -27.03 -27.48
C ALA B 134 -0.05 -27.46 -26.14
N MET B 135 -0.99 -26.70 -25.59
CA MET B 135 -1.35 -26.88 -24.17
C MET B 135 -2.47 -27.93 -24.04
N ASP B 136 -3.14 -28.34 -25.11
CA ASP B 136 -4.36 -29.19 -25.02
C ASP B 136 -4.00 -30.52 -24.35
N SER B 137 -2.79 -31.03 -24.59
CA SER B 137 -2.38 -32.37 -24.08
C SER B 137 -1.82 -32.27 -22.65
N THR B 138 -1.69 -31.07 -22.06
CA THR B 138 -1.20 -30.88 -20.67
C THR B 138 -2.42 -30.90 -19.72
N ASP B 139 -2.21 -31.23 -18.44
CA ASP B 139 -3.34 -31.28 -17.48
C ASP B 139 -3.31 -30.09 -16.52
N ALA B 140 -2.49 -29.06 -16.76
CA ALA B 140 -2.48 -27.87 -15.88
C ALA B 140 -3.72 -27.03 -16.16
N ASP B 141 -4.26 -26.36 -15.13
CA ASP B 141 -5.25 -25.30 -15.37
C ASP B 141 -4.51 -24.14 -16.04
N VAL B 142 -5.01 -23.72 -17.19
CA VAL B 142 -4.36 -22.61 -17.95
C VAL B 142 -5.23 -21.36 -17.81
N VAL B 143 -4.61 -20.27 -17.36
CA VAL B 143 -5.26 -18.94 -17.29
C VAL B 143 -4.54 -18.03 -18.29
N ILE B 144 -5.30 -17.63 -19.30
CA ILE B 144 -4.79 -16.76 -20.39
C ILE B 144 -5.00 -15.31 -19.96
N TYR B 145 -3.96 -14.47 -19.96
CA TYR B 145 -4.05 -13.03 -19.60
C TYR B 145 -4.09 -12.16 -20.85
N CYS B 146 -4.99 -11.17 -20.88
CA CYS B 146 -5.06 -10.12 -21.92
C CYS B 146 -5.30 -8.77 -21.21
N ARG B 147 -5.34 -7.67 -21.98
CA ARG B 147 -5.60 -6.31 -21.44
C ARG B 147 -6.86 -5.71 -22.08
N ASP B 148 -7.26 -6.16 -23.27
CA ASP B 148 -8.37 -5.56 -24.06
C ASP B 148 -9.68 -6.31 -23.77
N LYS B 149 -10.75 -5.57 -23.45
CA LYS B 149 -12.09 -6.13 -23.15
C LYS B 149 -12.65 -6.85 -24.38
N GLU B 150 -12.35 -6.37 -25.59
CA GLU B 150 -12.81 -7.01 -26.84
C GLU B 150 -11.97 -8.27 -27.11
N TRP B 151 -10.71 -8.29 -26.68
CA TRP B 151 -9.87 -9.53 -26.78
C TRP B 151 -10.36 -10.55 -25.73
N GLU B 152 -10.56 -10.12 -24.48
CA GLU B 152 -11.15 -10.96 -23.41
C GLU B 152 -12.39 -11.69 -23.95
N LYS B 153 -13.32 -10.95 -24.57
CA LYS B 153 -14.58 -11.49 -25.13
C LYS B 153 -14.25 -12.59 -26.15
N LYS B 154 -13.39 -12.27 -27.13
CA LYS B 154 -13.10 -13.20 -28.26
C LYS B 154 -12.39 -14.46 -27.76
N ILE B 155 -11.50 -14.34 -26.77
CA ILE B 155 -10.77 -15.48 -26.15
C ILE B 155 -11.78 -16.32 -25.36
N SER B 156 -12.60 -15.65 -24.55
CA SER B 156 -13.66 -16.33 -23.78
C SER B 156 -14.57 -17.15 -24.70
N GLU B 157 -14.99 -16.56 -25.84
CA GLU B 157 -15.89 -17.19 -26.84
C GLU B 157 -15.18 -18.38 -27.51
N ALA B 158 -13.89 -18.26 -27.78
CA ALA B 158 -13.10 -19.34 -28.41
C ALA B 158 -13.03 -20.51 -27.44
N ILE B 159 -12.87 -20.26 -26.13
CA ILE B 159 -12.75 -21.32 -25.08
C ILE B 159 -14.07 -22.09 -24.99
N GLN B 160 -15.18 -21.37 -24.80
CA GLN B 160 -16.52 -21.96 -24.55
C GLN B 160 -17.01 -22.72 -25.79
N MET B 161 -16.58 -22.29 -26.99
CA MET B 161 -16.98 -22.91 -28.28
C MET B 161 -16.59 -24.40 -28.39
N ARG B 162 -15.55 -24.80 -27.64
CA ARG B 162 -14.98 -26.18 -27.69
C ARG B 162 -15.51 -27.03 -26.53
N THR B 163 -16.26 -26.44 -25.60
CA THR B 163 -16.70 -27.10 -24.33
C THR B 163 -18.21 -27.35 -24.37
N GLY C 1 -24.40 10.19 9.34
CA GLY C 1 -23.36 9.65 10.32
C GLY C 1 -24.01 9.02 11.54
N ALA C 2 -23.31 8.09 12.21
CA ALA C 2 -23.71 7.57 13.53
C ALA C 2 -23.59 8.73 14.53
N MET C 3 -24.47 8.82 15.54
CA MET C 3 -24.42 9.92 16.55
C MET C 3 -23.07 9.91 17.31
N ALA C 4 -22.47 8.74 17.54
CA ALA C 4 -21.20 8.58 18.27
C ALA C 4 -20.44 7.43 17.59
N PRO C 5 -19.81 7.74 16.43
CA PRO C 5 -19.16 6.72 15.59
C PRO C 5 -18.24 5.83 16.42
N SER C 6 -18.37 4.51 16.26
CA SER C 6 -17.70 3.49 17.09
C SER C 6 -17.10 2.39 16.24
N TYR C 7 -16.21 1.62 16.84
CA TYR C 7 -15.75 0.30 16.36
C TYR C 7 -16.28 -0.79 17.28
N ARG C 8 -16.71 -1.90 16.70
CA ARG C 8 -17.12 -3.11 17.43
C ARG C 8 -16.56 -4.31 16.70
N VAL C 9 -16.47 -5.44 17.39
CA VAL C 9 -16.10 -6.70 16.73
C VAL C 9 -17.10 -7.77 17.12
N LYS C 10 -17.40 -8.63 16.15
CA LYS C 10 -18.30 -9.79 16.32
C LYS C 10 -17.64 -11.04 15.73
N ARG C 11 -17.72 -12.13 16.47
CA ARG C 11 -17.36 -13.46 15.94
C ARG C 11 -18.64 -14.11 15.37
N MET C 12 -18.85 -14.00 14.06
CA MET C 12 -20.15 -14.18 13.41
C MET C 12 -19.94 -14.15 11.90
N ASP C 13 -20.78 -14.86 11.17
CA ASP C 13 -20.84 -14.88 9.69
C ASP C 13 -21.24 -13.48 9.20
N ILE C 14 -20.33 -12.83 8.47
CA ILE C 14 -20.58 -11.48 7.93
C ILE C 14 -21.78 -11.53 6.97
N ALA C 15 -22.11 -12.70 6.42
CA ALA C 15 -23.30 -12.80 5.54
C ALA C 15 -24.62 -12.59 6.32
N LYS C 16 -24.54 -12.59 7.66
N LYS C 16 -24.57 -12.62 7.66
CA LYS C 16 -25.68 -12.43 8.59
CA LYS C 16 -25.77 -12.37 8.51
C LYS C 16 -25.55 -11.10 9.37
C LYS C 16 -25.56 -11.10 9.35
N ASN C 17 -24.78 -10.14 8.85
CA ASN C 17 -24.58 -8.85 9.54
C ASN C 17 -25.87 -8.04 9.77
N ASP C 18 -25.79 -7.09 10.68
CA ASP C 18 -26.88 -6.16 11.09
C ASP C 18 -26.54 -4.72 10.72
N GLU C 19 -25.71 -4.52 9.71
CA GLU C 19 -25.31 -3.17 9.24
C GLU C 19 -25.95 -2.80 7.91
N GLU C 20 -25.78 -1.52 7.51
CA GLU C 20 -26.46 -0.94 6.30
C GLU C 20 -25.72 -1.30 4.99
N CYS C 21 -24.53 -1.88 5.06
CA CYS C 21 -23.77 -2.35 3.89
C CYS C 21 -22.65 -3.30 4.34
N VAL C 22 -22.11 -4.07 3.41
CA VAL C 22 -21.08 -5.10 3.69
C VAL C 22 -19.85 -4.86 2.82
N VAL C 23 -18.68 -5.14 3.38
CA VAL C 23 -17.43 -5.25 2.58
C VAL C 23 -17.16 -6.71 2.30
N ASN C 24 -17.03 -7.03 1.01
CA ASN C 24 -16.60 -8.37 0.57
C ASN C 24 -15.08 -8.39 0.48
N ALA C 25 -14.46 -9.45 0.96
CA ALA C 25 -13.02 -9.71 0.72
C ALA C 25 -12.91 -10.39 -0.65
N ALA C 26 -12.92 -9.57 -1.68
CA ALA C 26 -13.11 -9.96 -3.09
C ALA C 26 -11.79 -10.39 -3.74
N ASN C 27 -11.91 -10.96 -4.94
CA ASN C 27 -10.78 -11.35 -5.82
C ASN C 27 -10.91 -10.45 -7.04
N PRO C 28 -9.79 -10.16 -7.74
CA PRO C 28 -9.82 -9.20 -8.85
C PRO C 28 -10.76 -9.58 -10.01
N ARG C 29 -11.07 -10.87 -10.17
CA ARG C 29 -11.89 -11.38 -11.31
C ARG C 29 -13.38 -11.14 -11.01
N GLY C 30 -13.74 -11.12 -9.73
CA GLY C 30 -15.14 -11.03 -9.28
C GLY C 30 -15.80 -12.40 -9.26
N LEU C 31 -15.02 -13.44 -8.95
CA LEU C 31 -15.49 -14.84 -8.83
C LEU C 31 -15.99 -15.13 -7.42
N PRO C 32 -16.93 -16.09 -7.28
CA PRO C 32 -17.37 -16.60 -5.98
C PRO C 32 -16.26 -16.84 -4.93
N GLY C 33 -15.12 -17.39 -5.34
CA GLY C 33 -13.95 -17.59 -4.45
C GLY C 33 -14.24 -18.55 -3.30
N ASP C 34 -13.59 -18.31 -2.16
CA ASP C 34 -13.66 -19.14 -0.92
C ASP C 34 -13.75 -18.23 0.30
N GLY C 35 -14.01 -18.79 1.47
CA GLY C 35 -14.03 -18.05 2.75
C GLY C 35 -15.18 -17.05 2.78
N VAL C 36 -14.90 -15.84 3.27
CA VAL C 36 -15.88 -14.71 3.36
C VAL C 36 -16.50 -14.48 1.97
N CYS C 37 -15.68 -14.52 0.91
CA CYS C 37 -16.12 -14.26 -0.49
C CYS C 37 -17.20 -15.26 -0.93
N LYS C 38 -17.10 -16.54 -0.56
CA LYS C 38 -18.10 -17.58 -0.90
C LYS C 38 -19.43 -17.34 -0.16
N ALA C 39 -19.39 -17.09 1.15
CA ALA C 39 -20.55 -16.75 2.00
C ALA C 39 -21.31 -15.53 1.42
N VAL C 40 -20.55 -14.53 0.95
CA VAL C 40 -21.07 -13.26 0.38
C VAL C 40 -21.75 -13.61 -0.95
N TYR C 41 -21.15 -14.50 -1.74
CA TYR C 41 -21.66 -14.89 -3.07
C TYR C 41 -22.99 -15.60 -2.86
N LYS C 42 -23.10 -16.44 -1.84
CA LYS C 42 -24.33 -17.23 -1.56
C LYS C 42 -25.44 -16.27 -1.10
N LYS C 43 -25.11 -15.24 -0.30
CA LYS C 43 -26.13 -14.31 0.26
C LYS C 43 -26.56 -13.26 -0.79
N TRP C 44 -25.62 -12.69 -1.54
CA TRP C 44 -25.86 -11.54 -2.44
C TRP C 44 -25.30 -11.83 -3.83
N PRO C 45 -25.72 -12.94 -4.49
CA PRO C 45 -25.10 -13.34 -5.76
C PRO C 45 -25.24 -12.25 -6.83
N GLU C 46 -26.34 -11.50 -6.80
CA GLU C 46 -26.63 -10.39 -7.75
C GLU C 46 -25.57 -9.27 -7.69
N SER C 47 -24.90 -9.13 -6.54
CA SER C 47 -23.83 -8.13 -6.31
C SER C 47 -22.56 -8.49 -7.11
N PHE C 48 -22.50 -9.70 -7.69
CA PHE C 48 -21.29 -10.18 -8.45
C PHE C 48 -21.36 -9.87 -9.97
N LYS C 49 -22.37 -9.11 -10.41
CA LYS C 49 -22.47 -8.59 -11.80
C LYS C 49 -21.49 -7.42 -12.00
N ASN C 50 -20.50 -7.58 -12.87
CA ASN C 50 -19.49 -6.53 -13.20
C ASN C 50 -18.77 -6.08 -11.92
N SER C 51 -18.49 -7.03 -11.01
CA SER C 51 -17.84 -6.77 -9.71
C SER C 51 -16.31 -6.68 -9.87
N ALA C 52 -15.76 -7.30 -10.92
CA ALA C 52 -14.29 -7.32 -11.19
C ALA C 52 -13.70 -5.94 -10.91
N THR C 53 -12.58 -5.87 -10.17
CA THR C 53 -11.88 -4.61 -9.83
C THR C 53 -10.44 -4.95 -9.44
N PRO C 54 -9.43 -4.12 -9.79
CA PRO C 54 -8.04 -4.46 -9.55
C PRO C 54 -7.67 -4.57 -8.07
N VAL C 55 -6.58 -5.28 -7.82
CA VAL C 55 -5.91 -5.32 -6.48
C VAL C 55 -5.75 -3.88 -6.03
N GLY C 56 -6.04 -3.60 -4.75
CA GLY C 56 -5.87 -2.26 -4.17
C GLY C 56 -7.05 -1.31 -4.34
N THR C 57 -8.16 -1.81 -4.89
CA THR C 57 -9.37 -1.00 -5.15
C THR C 57 -10.61 -1.62 -4.50
N ALA C 58 -11.69 -0.84 -4.50
CA ALA C 58 -13.01 -1.30 -4.07
C ALA C 58 -14.05 -0.85 -5.11
N LYS C 59 -15.01 -1.72 -5.39
CA LYS C 59 -16.13 -1.46 -6.35
C LYS C 59 -17.44 -1.87 -5.69
N THR C 60 -18.40 -0.96 -5.59
CA THR C 60 -19.73 -1.24 -4.98
C THR C 60 -20.73 -1.70 -6.04
N VAL C 61 -21.41 -2.82 -5.78
CA VAL C 61 -22.54 -3.31 -6.59
C VAL C 61 -23.70 -3.60 -5.64
N MET C 62 -24.88 -3.08 -5.98
N MET C 62 -24.87 -3.08 -6.01
CA MET C 62 -26.10 -3.24 -5.16
CA MET C 62 -26.11 -3.25 -5.21
C MET C 62 -26.71 -4.61 -5.44
C MET C 62 -26.67 -4.66 -5.44
N CYS C 63 -27.13 -5.29 -4.36
CA CYS C 63 -27.99 -6.47 -4.40
C CYS C 63 -29.37 -5.94 -3.95
N GLY C 64 -30.29 -5.72 -4.90
CA GLY C 64 -31.49 -4.92 -4.61
C GLY C 64 -31.13 -3.48 -4.30
N THR C 65 -31.30 -2.99 -3.07
CA THR C 65 -30.77 -1.69 -2.62
C THR C 65 -29.64 -1.86 -1.57
N TYR C 66 -29.24 -3.08 -1.26
CA TYR C 66 -28.22 -3.38 -0.22
C TYR C 66 -26.81 -3.32 -0.84
N PRO C 67 -25.94 -2.36 -0.43
CA PRO C 67 -24.65 -2.20 -1.09
C PRO C 67 -23.66 -3.28 -0.63
N VAL C 68 -23.02 -3.90 -1.62
CA VAL C 68 -21.87 -4.82 -1.42
C VAL C 68 -20.60 -4.15 -1.96
N ILE C 69 -19.66 -3.83 -1.07
CA ILE C 69 -18.42 -3.10 -1.40
C ILE C 69 -17.36 -4.18 -1.63
N HIS C 70 -17.00 -4.46 -2.89
CA HIS C 70 -16.02 -5.53 -3.19
C HIS C 70 -14.63 -4.93 -3.10
N ALA C 71 -13.88 -5.27 -2.05
CA ALA C 71 -12.55 -4.71 -1.76
C ALA C 71 -11.52 -5.80 -2.02
N VAL C 72 -10.56 -5.47 -2.89
CA VAL C 72 -9.57 -6.48 -3.31
C VAL C 72 -8.24 -6.18 -2.63
N GLY C 73 -7.96 -6.88 -1.54
CA GLY C 73 -6.63 -6.85 -0.90
C GLY C 73 -5.64 -7.67 -1.71
N PRO C 74 -4.34 -7.43 -1.51
CA PRO C 74 -3.34 -8.25 -2.18
C PRO C 74 -3.33 -9.67 -1.63
N ASN C 75 -2.97 -10.62 -2.50
CA ASN C 75 -2.64 -11.99 -2.10
C ASN C 75 -1.13 -12.06 -1.79
N PHE C 76 -0.78 -12.23 -0.52
CA PHE C 76 0.63 -12.22 -0.06
C PHE C 76 1.37 -13.50 -0.49
N SER C 77 0.68 -14.50 -1.06
CA SER C 77 1.37 -15.64 -1.70
C SER C 77 2.18 -15.17 -2.92
N ASN C 78 1.76 -14.08 -3.55
CA ASN C 78 2.33 -13.59 -4.83
C ASN C 78 2.65 -12.08 -4.76
N TYR C 79 2.73 -11.49 -3.57
CA TYR C 79 3.12 -10.06 -3.39
C TYR C 79 4.25 -10.06 -2.36
N THR C 80 5.28 -9.25 -2.56
CA THR C 80 6.33 -9.04 -1.54
C THR C 80 5.67 -8.35 -0.35
N GLU C 81 6.32 -8.40 0.80
CA GLU C 81 5.84 -7.64 2.01
C GLU C 81 5.73 -6.17 1.65
N SER C 82 6.73 -5.59 0.98
CA SER C 82 6.74 -4.16 0.65
C SER C 82 5.56 -3.80 -0.27
N GLU C 83 5.42 -4.47 -1.42
CA GLU C 83 4.39 -4.09 -2.42
C GLU C 83 3.01 -4.39 -1.82
N GLY C 84 2.86 -5.50 -1.11
CA GLY C 84 1.56 -5.89 -0.55
C GLY C 84 1.11 -4.90 0.50
N ASP C 85 2.04 -4.42 1.33
CA ASP C 85 1.67 -3.47 2.39
C ASP C 85 1.01 -2.25 1.75
N ARG C 86 1.55 -1.75 0.67
CA ARG C 86 0.98 -0.55 0.02
C ARG C 86 -0.41 -0.87 -0.59
N GLU C 87 -0.59 -2.03 -1.22
CA GLU C 87 -1.89 -2.39 -1.86
C GLU C 87 -2.94 -2.63 -0.76
N LEU C 88 -2.56 -3.17 0.41
CA LEU C 88 -3.55 -3.45 1.48
C LEU C 88 -4.05 -2.11 2.04
N ALA C 89 -3.14 -1.17 2.25
CA ALA C 89 -3.48 0.19 2.73
C ALA C 89 -4.44 0.85 1.72
N ALA C 90 -4.16 0.71 0.41
CA ALA C 90 -4.94 1.36 -0.66
C ALA C 90 -6.36 0.76 -0.70
N ALA C 91 -6.49 -0.56 -0.56
CA ALA C 91 -7.82 -1.23 -0.57
C ALA C 91 -8.67 -0.63 0.53
N TYR C 92 -8.12 -0.51 1.74
CA TYR C 92 -8.90 0.08 2.84
C TYR C 92 -9.27 1.55 2.56
N ARG C 93 -8.37 2.34 1.97
N ARG C 93 -8.37 2.34 1.97
CA ARG C 93 -8.67 3.77 1.67
CA ARG C 93 -8.70 3.77 1.69
C ARG C 93 -9.86 3.81 0.69
C ARG C 93 -9.86 3.83 0.68
N GLU C 94 -9.93 2.87 -0.26
CA GLU C 94 -11.02 2.85 -1.24
C GLU C 94 -12.30 2.39 -0.53
N VAL C 95 -12.21 1.55 0.51
CA VAL C 95 -13.43 1.18 1.28
C VAL C 95 -13.95 2.43 1.98
N ALA C 96 -13.10 3.23 2.63
CA ALA C 96 -13.51 4.46 3.31
C ALA C 96 -14.21 5.41 2.34
N LYS C 97 -13.68 5.55 1.12
CA LYS C 97 -14.29 6.40 0.06
C LYS C 97 -15.69 5.88 -0.28
N GLU C 98 -15.82 4.56 -0.50
CA GLU C 98 -17.12 3.96 -0.91
C GLU C 98 -18.14 4.09 0.22
N VAL C 99 -17.74 3.80 1.48
CA VAL C 99 -18.68 3.98 2.63
C VAL C 99 -19.15 5.43 2.72
N THR C 100 -18.26 6.39 2.51
CA THR C 100 -18.58 7.84 2.60
C THR C 100 -19.57 8.20 1.46
N ARG C 101 -19.26 7.76 0.28
CA ARG C 101 -20.04 8.04 -0.96
C ARG C 101 -21.46 7.53 -0.72
N LEU C 102 -21.61 6.35 -0.12
CA LEU C 102 -22.96 5.73 0.00
C LEU C 102 -23.82 6.45 1.05
N GLY C 103 -23.21 7.15 2.01
CA GLY C 103 -23.90 7.89 3.08
C GLY C 103 -24.45 6.98 4.17
N VAL C 104 -24.00 5.74 4.22
CA VAL C 104 -24.43 4.74 5.26
C VAL C 104 -24.02 5.21 6.67
N ASN C 105 -24.78 4.77 7.68
CA ASN C 105 -24.44 5.04 9.11
C ASN C 105 -23.71 3.86 9.72
N SER C 106 -23.57 2.74 9.00
CA SER C 106 -22.87 1.54 9.51
C SER C 106 -22.41 0.64 8.36
N VAL C 107 -21.35 -0.10 8.62
CA VAL C 107 -20.70 -1.01 7.64
C VAL C 107 -20.16 -2.22 8.40
N ALA C 108 -20.31 -3.41 7.82
CA ALA C 108 -19.75 -4.69 8.26
C ALA C 108 -18.50 -4.95 7.41
N ILE C 109 -17.36 -5.16 8.07
N ILE C 109 -17.36 -5.22 8.05
CA ILE C 109 -16.02 -5.29 7.41
CA ILE C 109 -16.06 -5.31 7.35
C ILE C 109 -15.34 -6.55 7.92
C ILE C 109 -15.27 -6.48 7.91
N PRO C 110 -14.69 -7.32 7.02
CA PRO C 110 -13.75 -8.37 7.42
C PRO C 110 -12.31 -7.81 7.36
N LEU C 111 -11.38 -8.50 7.99
CA LEU C 111 -9.94 -8.09 7.89
C LEU C 111 -9.39 -8.60 6.55
N LEU C 112 -9.06 -7.68 5.67
CA LEU C 112 -8.58 -8.00 4.32
C LEU C 112 -7.21 -8.64 4.41
N SER C 113 -6.95 -9.59 3.51
CA SER C 113 -5.65 -10.26 3.29
C SER C 113 -5.27 -11.10 4.51
N THR C 114 -6.24 -11.63 5.29
CA THR C 114 -5.91 -12.44 6.51
C THR C 114 -6.25 -13.93 6.39
N GLY C 115 -6.88 -14.38 5.32
CA GLY C 115 -7.23 -15.80 5.15
C GLY C 115 -6.33 -16.42 4.10
N VAL C 116 -6.89 -16.90 2.99
CA VAL C 116 -6.07 -17.52 1.89
C VAL C 116 -5.17 -16.45 1.26
N TYR C 117 -5.46 -15.15 1.40
CA TYR C 117 -4.59 -14.08 0.83
C TYR C 117 -3.46 -13.73 1.83
N SER C 118 -3.37 -14.39 2.97
CA SER C 118 -2.35 -14.07 4.00
C SER C 118 -0.95 -14.58 3.60
N GLY C 119 -0.83 -15.45 2.59
CA GLY C 119 0.46 -16.12 2.32
C GLY C 119 0.95 -16.92 3.52
N GLY C 120 0.04 -17.40 4.36
CA GLY C 120 0.33 -18.22 5.57
C GLY C 120 0.94 -17.46 6.75
N LYS C 121 0.85 -16.13 6.80
CA LYS C 121 1.39 -15.31 7.93
C LYS C 121 0.21 -14.78 8.73
N ASP C 122 0.41 -14.56 10.03
CA ASP C 122 -0.62 -13.92 10.91
C ASP C 122 -0.62 -12.42 10.60
N ARG C 123 -1.68 -11.90 9.98
CA ARG C 123 -1.73 -10.47 9.55
C ARG C 123 -2.80 -9.70 10.31
N LEU C 124 -3.22 -10.16 11.49
CA LEU C 124 -4.27 -9.44 12.26
C LEU C 124 -3.87 -7.97 12.49
N THR C 125 -2.74 -7.74 13.15
CA THR C 125 -2.30 -6.37 13.51
C THR C 125 -2.12 -5.55 12.23
N GLN C 126 -1.46 -6.11 11.22
CA GLN C 126 -1.19 -5.34 9.97
C GLN C 126 -2.53 -4.90 9.34
N SER C 127 -3.45 -5.86 9.17
CA SER C 127 -4.73 -5.59 8.49
C SER C 127 -5.52 -4.57 9.33
N LEU C 128 -5.60 -4.79 10.65
CA LEU C 128 -6.39 -3.94 11.55
C LEU C 128 -5.80 -2.53 11.57
N ASN C 129 -4.46 -2.39 11.56
CA ASN C 129 -3.83 -1.04 11.53
C ASN C 129 -4.28 -0.32 10.25
N HIS C 130 -4.25 -0.98 9.09
CA HIS C 130 -4.65 -0.31 7.84
C HIS C 130 -6.14 0.04 7.90
N LEU C 131 -6.95 -0.84 8.50
CA LEU C 131 -8.40 -0.59 8.62
C LEU C 131 -8.62 0.71 9.40
N PHE C 132 -7.99 0.84 10.56
CA PHE C 132 -8.13 2.07 11.39
C PHE C 132 -7.62 3.29 10.63
N THR C 133 -6.46 3.19 9.95
CA THR C 133 -5.87 4.35 9.24
C THR C 133 -6.92 4.90 8.25
N ALA C 134 -7.66 4.02 7.57
CA ALA C 134 -8.63 4.43 6.53
C ALA C 134 -9.96 4.88 7.19
N MET C 135 -10.46 4.12 8.18
CA MET C 135 -11.85 4.33 8.70
C MET C 135 -11.94 5.35 9.87
N ASP C 136 -10.84 5.72 10.51
CA ASP C 136 -10.91 6.64 11.66
C ASP C 136 -11.55 7.96 11.27
N SER C 137 -11.35 8.46 10.02
CA SER C 137 -11.90 9.76 9.58
C SER C 137 -13.34 9.64 9.08
N THR C 138 -13.92 8.44 9.05
CA THR C 138 -15.35 8.23 8.68
C THR C 138 -16.22 8.29 9.92
N ASP C 139 -17.51 8.57 9.74
CA ASP C 139 -18.50 8.70 10.83
C ASP C 139 -19.45 7.52 10.82
N ALA C 140 -19.18 6.46 10.07
CA ALA C 140 -20.02 5.25 10.12
C ALA C 140 -19.65 4.41 11.33
N ASP C 141 -20.64 3.78 11.97
CA ASP C 141 -20.36 2.66 12.89
C ASP C 141 -19.69 1.52 12.12
N VAL C 142 -18.52 1.10 12.53
CA VAL C 142 -17.78 0.00 11.88
C VAL C 142 -17.90 -1.24 12.73
N VAL C 143 -18.35 -2.34 12.15
CA VAL C 143 -18.46 -3.65 12.85
C VAL C 143 -17.57 -4.63 12.13
N ILE C 144 -16.52 -5.09 12.80
CA ILE C 144 -15.51 -6.03 12.24
C ILE C 144 -15.97 -7.46 12.51
N TYR C 145 -15.99 -8.31 11.49
CA TYR C 145 -16.45 -9.72 11.59
C TYR C 145 -15.25 -10.64 11.53
N CYS C 146 -15.17 -11.58 12.46
CA CYS C 146 -14.12 -12.61 12.46
C CYS C 146 -14.75 -13.97 12.79
N ARG C 147 -13.94 -15.03 12.70
CA ARG C 147 -14.39 -16.43 12.94
C ARG C 147 -13.68 -17.05 14.16
N ASP C 148 -12.46 -16.62 14.46
CA ASP C 148 -11.61 -17.25 15.50
C ASP C 148 -11.83 -16.56 16.84
N LYS C 149 -11.97 -17.30 17.94
CA LYS C 149 -12.12 -16.69 19.29
C LYS C 149 -10.87 -15.93 19.74
N GLU C 150 -9.65 -16.38 19.43
CA GLU C 150 -8.41 -15.66 19.84
C GLU C 150 -8.31 -14.34 19.06
N TRP C 151 -8.72 -14.34 17.78
CA TRP C 151 -8.75 -13.10 16.95
C TRP C 151 -9.79 -12.13 17.54
N GLU C 152 -10.96 -12.62 17.95
CA GLU C 152 -12.01 -11.75 18.53
C GLU C 152 -11.42 -10.97 19.73
N LYS C 153 -10.74 -11.69 20.62
CA LYS C 153 -10.11 -11.11 21.84
C LYS C 153 -9.06 -10.05 21.45
N LYS C 154 -8.13 -10.39 20.56
CA LYS C 154 -7.06 -9.47 20.09
C LYS C 154 -7.71 -8.22 19.48
N ILE C 155 -8.68 -8.39 18.59
CA ILE C 155 -9.34 -7.21 17.92
C ILE C 155 -10.04 -6.36 18.98
N SER C 156 -10.75 -6.97 19.92
CA SER C 156 -11.44 -6.23 21.02
C SER C 156 -10.40 -5.43 21.82
N GLU C 157 -9.31 -6.07 22.22
CA GLU C 157 -8.23 -5.40 22.99
C GLU C 157 -7.78 -4.15 22.24
N ALA C 158 -7.49 -4.30 20.94
CA ALA C 158 -6.98 -3.21 20.06
C ALA C 158 -7.98 -2.04 20.04
N ILE C 159 -9.28 -2.33 19.99
CA ILE C 159 -10.35 -1.30 19.93
C ILE C 159 -10.38 -0.58 21.27
N GLN C 160 -10.38 -1.32 22.38
CA GLN C 160 -10.53 -0.71 23.73
C GLN C 160 -9.21 -0.01 24.12
N MET C 161 -8.09 -0.37 23.51
CA MET C 161 -6.77 0.25 23.80
C MET C 161 -6.76 1.70 23.31
N ARG C 162 -7.78 2.13 22.55
CA ARG C 162 -7.91 3.53 22.02
C ARG C 162 -9.13 4.21 22.67
N THR C 163 -9.80 3.55 23.61
CA THR C 163 -10.92 4.11 24.43
C THR C 163 -10.55 3.94 25.91
N PRO D 5 -18.73 40.68 14.17
CA PRO D 5 -17.53 40.16 14.82
C PRO D 5 -16.24 40.77 14.24
N SER D 6 -15.13 40.58 14.95
N SER D 6 -15.15 40.70 15.00
CA SER D 6 -13.76 41.08 14.62
CA SER D 6 -13.78 41.08 14.57
C SER D 6 -12.80 39.90 14.43
C SER D 6 -13.00 39.81 14.24
N TYR D 7 -12.00 39.92 13.37
CA TYR D 7 -11.12 38.78 13.00
C TYR D 7 -9.68 39.19 13.15
N ARG D 8 -8.89 38.31 13.76
CA ARG D 8 -7.41 38.39 13.80
C ARG D 8 -6.85 37.03 13.44
N VAL D 9 -5.57 37.01 13.10
CA VAL D 9 -4.81 35.77 12.83
C VAL D 9 -3.57 35.81 13.70
N LYS D 10 -3.19 34.64 14.23
CA LYS D 10 -1.98 34.40 14.99
C LYS D 10 -1.30 33.15 14.42
N ARG D 11 0.00 33.26 14.22
CA ARG D 11 0.88 32.13 13.88
C ARG D 11 1.43 31.58 15.19
N MET D 12 0.68 30.68 15.83
CA MET D 12 1.07 30.04 17.12
C MET D 12 0.19 28.81 17.38
N ASP D 13 0.60 27.98 18.34
CA ASP D 13 -0.14 26.76 18.76
C ASP D 13 -1.49 27.19 19.36
N ILE D 14 -2.58 26.69 18.78
CA ILE D 14 -3.95 27.00 19.30
C ILE D 14 -4.13 26.45 20.72
N ALA D 15 -3.29 25.52 21.15
CA ALA D 15 -3.33 24.96 22.53
C ALA D 15 -2.84 26.03 23.53
N LYS D 16 -2.25 27.15 23.05
CA LYS D 16 -1.80 28.28 23.92
C LYS D 16 -2.61 29.55 23.60
N ASN D 17 -3.86 29.43 23.15
CA ASN D 17 -4.64 30.62 22.75
C ASN D 17 -4.94 31.50 23.97
N ASP D 18 -5.27 32.75 23.69
CA ASP D 18 -5.67 33.77 24.68
C ASP D 18 -7.15 34.06 24.58
N GLU D 19 -8.00 33.12 24.13
CA GLU D 19 -9.44 33.38 23.97
C GLU D 19 -10.29 32.61 24.99
N GLU D 20 -11.58 32.90 25.08
CA GLU D 20 -12.50 32.28 26.10
C GLU D 20 -12.87 30.84 25.78
N CYS D 21 -12.65 30.37 24.54
CA CYS D 21 -12.94 28.97 24.21
C CYS D 21 -12.13 28.60 22.97
N VAL D 22 -12.10 27.32 22.67
CA VAL D 22 -11.28 26.80 21.54
C VAL D 22 -12.13 25.88 20.68
N VAL D 23 -11.89 25.94 19.38
CA VAL D 23 -12.44 24.96 18.41
C VAL D 23 -11.35 23.93 18.07
N ASN D 24 -11.64 22.66 18.34
CA ASN D 24 -10.81 21.52 17.93
C ASN D 24 -11.14 21.14 16.49
N ALA D 25 -10.11 20.92 15.66
CA ALA D 25 -10.27 20.25 14.35
C ALA D 25 -10.28 18.73 14.62
N ALA D 26 -11.43 18.26 15.05
CA ALA D 26 -11.65 16.93 15.63
C ALA D 26 -11.83 15.87 14.54
N ASN D 27 -11.71 14.62 14.94
CA ASN D 27 -12.12 13.45 14.13
C ASN D 27 -13.48 12.98 14.66
N PRO D 28 -14.25 12.22 13.87
CA PRO D 28 -15.61 11.89 14.29
C PRO D 28 -15.64 10.95 15.49
N ARG D 29 -14.53 10.30 15.81
CA ARG D 29 -14.47 9.19 16.83
C ARG D 29 -14.06 9.71 18.20
N GLY D 30 -13.65 10.97 18.29
CA GLY D 30 -13.11 11.52 19.55
C GLY D 30 -11.77 10.91 19.88
N LEU D 31 -11.00 10.46 18.89
CA LEU D 31 -9.64 9.94 19.10
C LEU D 31 -8.67 11.10 19.29
N PRO D 32 -7.52 10.86 19.97
CA PRO D 32 -6.47 11.88 20.14
C PRO D 32 -5.96 12.47 18.82
N GLY D 33 -5.80 11.63 17.80
CA GLY D 33 -5.50 12.09 16.44
C GLY D 33 -4.08 12.61 16.29
N ASP D 34 -3.90 13.58 15.40
CA ASP D 34 -2.59 14.25 15.11
C ASP D 34 -2.83 15.73 14.83
N GLY D 35 -1.76 16.50 14.65
CA GLY D 35 -1.84 17.94 14.38
C GLY D 35 -2.54 18.69 15.50
N VAL D 36 -3.43 19.60 15.14
CA VAL D 36 -4.25 20.42 16.08
C VAL D 36 -4.91 19.48 17.10
N CYS D 37 -5.52 18.41 16.62
CA CYS D 37 -6.34 17.50 17.46
C CYS D 37 -5.46 16.96 18.60
N LYS D 38 -4.24 16.52 18.28
CA LYS D 38 -3.31 15.95 19.29
C LYS D 38 -2.89 17.05 20.29
N ALA D 39 -2.66 18.29 19.82
CA ALA D 39 -2.26 19.40 20.71
C ALA D 39 -3.40 19.70 21.69
N VAL D 40 -4.63 19.65 21.20
CA VAL D 40 -5.86 19.89 21.98
C VAL D 40 -6.00 18.73 22.97
N TYR D 41 -5.72 17.49 22.55
CA TYR D 41 -5.79 16.31 23.46
C TYR D 41 -4.79 16.45 24.64
N LYS D 42 -3.57 16.91 24.36
CA LYS D 42 -2.50 17.05 25.39
C LYS D 42 -2.86 18.18 26.36
N LYS D 43 -3.51 19.24 25.89
CA LYS D 43 -3.85 20.44 26.71
C LYS D 43 -5.15 20.24 27.49
N TRP D 44 -6.19 19.64 26.90
CA TRP D 44 -7.55 19.56 27.49
C TRP D 44 -8.06 18.12 27.35
N PRO D 45 -7.35 17.10 27.84
CA PRO D 45 -7.74 15.70 27.57
C PRO D 45 -9.13 15.38 28.13
N GLU D 46 -9.53 16.03 29.24
CA GLU D 46 -10.86 15.81 29.86
C GLU D 46 -11.97 16.16 28.88
N SER D 47 -11.74 17.07 27.92
CA SER D 47 -12.76 17.47 26.91
C SER D 47 -13.05 16.35 25.89
N PHE D 48 -12.35 15.22 25.91
CA PHE D 48 -12.61 14.12 24.95
C PHE D 48 -13.57 13.07 25.53
N LYS D 49 -14.13 13.33 26.72
CA LYS D 49 -15.21 12.46 27.26
C LYS D 49 -16.46 12.60 26.40
N ASN D 50 -16.82 11.55 25.65
CA ASN D 50 -18.01 11.52 24.79
C ASN D 50 -17.97 12.71 23.81
N SER D 51 -16.80 12.98 23.22
CA SER D 51 -16.66 14.04 22.19
C SER D 51 -17.00 13.52 20.78
N ALA D 52 -17.16 12.22 20.56
CA ALA D 52 -17.46 11.66 19.22
C ALA D 52 -18.73 12.31 18.67
N THR D 53 -18.72 12.66 17.38
CA THR D 53 -19.85 13.38 16.76
C THR D 53 -19.66 13.23 15.26
N PRO D 54 -20.74 13.28 14.47
CA PRO D 54 -20.59 13.03 13.06
C PRO D 54 -19.86 14.15 12.31
N VAL D 55 -19.51 13.82 11.09
CA VAL D 55 -18.99 14.85 10.13
C VAL D 55 -20.03 15.95 9.96
N GLY D 56 -19.56 17.19 9.89
CA GLY D 56 -20.40 18.38 9.71
C GLY D 56 -21.07 18.87 10.96
N THR D 57 -20.71 18.35 12.14
CA THR D 57 -21.30 18.75 13.44
C THR D 57 -20.23 19.28 14.39
N ALA D 58 -20.72 19.96 15.42
CA ALA D 58 -19.83 20.45 16.51
C ALA D 58 -20.39 19.97 17.85
N LYS D 59 -19.53 19.54 18.76
CA LYS D 59 -19.98 19.07 20.08
C LYS D 59 -19.06 19.68 21.13
N THR D 60 -19.64 20.45 22.04
CA THR D 60 -18.89 21.18 23.08
C THR D 60 -18.78 20.32 24.34
N VAL D 61 -17.56 20.15 24.82
CA VAL D 61 -17.27 19.47 26.11
C VAL D 61 -16.37 20.38 26.91
N MET D 62 -16.71 20.58 28.19
N MET D 62 -16.69 20.54 28.20
CA MET D 62 -15.94 21.44 29.12
CA MET D 62 -15.94 21.42 29.14
C MET D 62 -14.70 20.68 29.62
C MET D 62 -14.70 20.67 29.64
N CYS D 63 -13.58 21.39 29.74
CA CYS D 63 -12.38 20.94 30.47
C CYS D 63 -12.30 21.92 31.64
N GLY D 64 -12.72 21.48 32.83
CA GLY D 64 -12.97 22.45 33.90
C GLY D 64 -14.14 23.32 33.52
N THR D 65 -13.95 24.64 33.40
CA THR D 65 -14.99 25.55 32.88
C THR D 65 -14.61 26.06 31.48
N TYR D 66 -13.55 25.55 30.89
CA TYR D 66 -13.04 26.04 29.58
C TYR D 66 -13.71 25.22 28.46
N PRO D 67 -14.53 25.84 27.56
CA PRO D 67 -15.23 25.08 26.54
C PRO D 67 -14.33 24.70 25.36
N VAL D 68 -14.39 23.42 25.00
CA VAL D 68 -13.71 22.88 23.79
C VAL D 68 -14.81 22.48 22.81
N ILE D 69 -14.89 23.16 21.67
CA ILE D 69 -15.96 22.95 20.66
C ILE D 69 -15.36 21.99 19.63
N HIS D 70 -15.65 20.69 19.71
CA HIS D 70 -15.07 19.71 18.76
C HIS D 70 -15.83 19.82 17.44
N ALA D 71 -15.18 20.28 16.38
CA ALA D 71 -15.83 20.50 15.07
C ALA D 71 -15.23 19.51 14.08
N VAL D 72 -16.08 18.72 13.44
CA VAL D 72 -15.63 17.62 12.56
C VAL D 72 -15.79 18.05 11.09
N GLY D 73 -14.72 18.51 10.50
CA GLY D 73 -14.71 18.81 9.06
C GLY D 73 -14.60 17.52 8.29
N PRO D 74 -15.02 17.53 7.02
CA PRO D 74 -14.86 16.36 6.18
C PRO D 74 -13.41 16.09 5.80
N ASN D 75 -13.10 14.82 5.68
CA ASN D 75 -11.84 14.37 5.07
C ASN D 75 -12.03 14.29 3.55
N PHE D 76 -11.46 15.22 2.80
CA PHE D 76 -11.59 15.22 1.32
C PHE D 76 -10.89 14.04 0.63
N SER D 77 -10.11 13.22 1.31
CA SER D 77 -9.72 11.89 0.80
C SER D 77 -10.94 10.99 0.62
N ASN D 78 -12.00 11.20 1.40
CA ASN D 78 -13.18 10.31 1.44
C ASN D 78 -14.35 10.91 0.69
N TYR D 79 -14.56 12.25 0.79
CA TYR D 79 -15.71 12.98 0.24
C TYR D 79 -15.37 13.48 -1.17
N THR D 80 -16.37 13.55 -2.02
CA THR D 80 -16.25 14.33 -3.29
C THR D 80 -16.07 15.80 -2.98
N GLU D 81 -15.54 16.58 -3.92
CA GLU D 81 -15.52 18.04 -3.71
C GLU D 81 -16.91 18.59 -3.38
N SER D 82 -17.96 18.14 -4.08
CA SER D 82 -19.33 18.67 -3.91
C SER D 82 -19.82 18.35 -2.49
N GLU D 83 -19.78 17.09 -2.10
CA GLU D 83 -20.39 16.67 -0.79
C GLU D 83 -19.53 17.22 0.37
N GLY D 84 -18.22 17.28 0.17
CA GLY D 84 -17.27 17.83 1.16
C GLY D 84 -17.51 19.29 1.40
N ASP D 85 -17.73 20.07 0.33
CA ASP D 85 -17.97 21.52 0.50
C ASP D 85 -19.18 21.77 1.41
N ARG D 86 -20.24 20.99 1.24
CA ARG D 86 -21.49 21.11 2.04
C ARG D 86 -21.17 20.82 3.51
N GLU D 87 -20.37 19.78 3.78
CA GLU D 87 -20.08 19.35 5.17
C GLU D 87 -19.12 20.32 5.83
N LEU D 88 -18.23 20.95 5.06
CA LEU D 88 -17.30 21.94 5.62
C LEU D 88 -18.11 23.17 6.04
N ALA D 89 -19.02 23.66 5.20
CA ALA D 89 -19.96 24.76 5.51
C ALA D 89 -20.72 24.41 6.80
N ALA D 90 -21.19 23.17 6.90
CA ALA D 90 -22.08 22.73 8.01
C ALA D 90 -21.28 22.74 9.32
N ALA D 91 -20.07 22.20 9.32
CA ALA D 91 -19.22 22.17 10.54
C ALA D 91 -19.05 23.60 11.06
N TYR D 92 -18.71 24.56 10.21
CA TYR D 92 -18.54 25.96 10.69
C TYR D 92 -19.87 26.56 11.17
N ARG D 93 -20.98 26.28 10.48
CA ARG D 93 -22.34 26.71 10.90
C ARG D 93 -22.61 26.22 12.33
N GLU D 94 -22.32 24.95 12.62
CA GLU D 94 -22.53 24.37 13.96
C GLU D 94 -21.57 25.01 14.98
N VAL D 95 -20.34 25.31 14.60
CA VAL D 95 -19.39 26.08 15.47
C VAL D 95 -20.04 27.42 15.84
N ALA D 96 -20.53 28.19 14.86
CA ALA D 96 -21.11 29.53 15.12
C ALA D 96 -22.27 29.42 16.12
N LYS D 97 -23.11 28.40 15.96
CA LYS D 97 -24.30 28.18 16.84
C LYS D 97 -23.84 27.89 18.27
N GLU D 98 -22.75 27.13 18.44
CA GLU D 98 -22.18 26.85 19.80
C GLU D 98 -21.58 28.12 20.42
N VAL D 99 -20.82 28.91 19.65
CA VAL D 99 -20.21 30.17 20.14
C VAL D 99 -21.33 31.08 20.67
N THR D 100 -22.42 31.20 19.91
CA THR D 100 -23.55 32.10 20.27
C THR D 100 -24.18 31.55 21.56
N ARG D 101 -24.47 30.25 21.60
CA ARG D 101 -25.17 29.59 22.73
C ARG D 101 -24.34 29.76 24.02
N LEU D 102 -23.02 29.63 23.93
CA LEU D 102 -22.11 29.70 25.09
C LEU D 102 -22.02 31.15 25.60
N GLY D 103 -22.22 32.14 24.73
CA GLY D 103 -22.18 33.58 25.08
C GLY D 103 -20.78 34.09 25.31
N VAL D 104 -19.77 33.42 24.75
CA VAL D 104 -18.36 33.84 24.95
C VAL D 104 -18.12 35.20 24.25
N ASN D 105 -17.08 35.90 24.68
CA ASN D 105 -16.62 37.14 24.03
C ASN D 105 -15.62 36.83 22.91
N SER D 106 -14.95 35.69 22.96
CA SER D 106 -13.85 35.39 22.03
C SER D 106 -13.75 33.89 21.82
N VAL D 107 -13.17 33.52 20.67
CA VAL D 107 -13.01 32.09 20.27
C VAL D 107 -11.75 31.97 19.40
N ALA D 108 -10.97 30.93 19.69
CA ALA D 108 -9.77 30.49 18.96
C ALA D 108 -10.23 29.40 17.99
N ILE D 109 -9.92 29.55 16.69
N ILE D 109 -10.00 29.61 16.68
CA ILE D 109 -10.45 28.63 15.64
CA ILE D 109 -10.44 28.67 15.60
C ILE D 109 -9.35 28.32 14.63
C ILE D 109 -9.26 28.31 14.70
N PRO D 110 -9.16 27.03 14.27
CA PRO D 110 -8.25 26.64 13.21
C PRO D 110 -9.01 26.55 11.89
N LEU D 111 -8.28 26.45 10.77
CA LEU D 111 -8.93 26.25 9.44
C LEU D 111 -9.20 24.76 9.25
N LEU D 112 -10.48 24.41 9.37
CA LEU D 112 -10.94 23.02 9.27
C LEU D 112 -10.62 22.47 7.88
N SER D 113 -10.23 21.21 7.84
CA SER D 113 -10.07 20.39 6.60
C SER D 113 -8.87 20.89 5.77
N THR D 114 -7.92 21.62 6.37
CA THR D 114 -6.75 22.19 5.64
C THR D 114 -5.45 21.42 5.85
N GLY D 115 -5.40 20.44 6.74
CA GLY D 115 -4.22 19.60 6.99
C GLY D 115 -4.39 18.21 6.41
N VAL D 116 -4.33 17.17 7.23
CA VAL D 116 -4.42 15.77 6.71
C VAL D 116 -5.84 15.47 6.19
N TYR D 117 -6.82 16.35 6.39
CA TYR D 117 -8.18 16.16 5.81
C TYR D 117 -8.31 16.91 4.48
N SER D 118 -7.22 17.48 3.95
CA SER D 118 -7.32 18.34 2.73
C SER D 118 -7.31 17.53 1.44
N GLY D 119 -7.08 16.21 1.48
CA GLY D 119 -6.99 15.40 0.26
C GLY D 119 -5.81 15.86 -0.59
N GLY D 120 -4.77 16.45 0.03
CA GLY D 120 -3.52 16.89 -0.64
C GLY D 120 -3.68 18.20 -1.40
N LYS D 121 -4.79 18.91 -1.23
CA LYS D 121 -5.12 20.18 -1.93
C LYS D 121 -4.99 21.37 -0.96
N ASP D 122 -4.61 22.52 -1.49
CA ASP D 122 -4.58 23.81 -0.74
C ASP D 122 -6.01 24.31 -0.60
N ARG D 123 -6.54 24.27 0.64
CA ARG D 123 -7.91 24.71 0.96
C ARG D 123 -7.96 25.94 1.87
N LEU D 124 -6.92 26.77 1.90
CA LEU D 124 -6.96 28.01 2.71
C LEU D 124 -8.19 28.84 2.33
N THR D 125 -8.34 29.27 1.06
CA THR D 125 -9.44 30.18 0.64
C THR D 125 -10.81 29.54 0.93
N GLN D 126 -10.99 28.29 0.58
CA GLN D 126 -12.25 27.54 0.75
C GLN D 126 -12.62 27.52 2.24
N SER D 127 -11.68 27.07 3.06
CA SER D 127 -11.95 26.92 4.52
C SER D 127 -12.22 28.30 5.14
N LEU D 128 -11.41 29.31 4.81
CA LEU D 128 -11.61 30.67 5.37
C LEU D 128 -12.93 31.25 4.89
N ASN D 129 -13.37 31.01 3.64
CA ASN D 129 -14.67 31.54 3.17
C ASN D 129 -15.80 30.97 4.00
N HIS D 130 -15.80 29.67 4.31
CA HIS D 130 -16.90 29.06 5.12
C HIS D 130 -16.84 29.59 6.56
N LEU D 131 -15.63 29.80 7.08
CA LEU D 131 -15.39 30.37 8.44
C LEU D 131 -16.06 31.75 8.52
N PHE D 132 -15.74 32.65 7.59
CA PHE D 132 -16.30 34.03 7.62
C PHE D 132 -17.82 33.93 7.49
N THR D 133 -18.35 33.12 6.56
CA THR D 133 -19.81 33.05 6.35
C THR D 133 -20.51 32.68 7.65
N ALA D 134 -19.99 31.68 8.36
CA ALA D 134 -20.66 31.20 9.58
C ALA D 134 -20.44 32.20 10.71
N MET D 135 -19.21 32.67 10.89
CA MET D 135 -18.82 33.42 12.11
C MET D 135 -19.33 34.86 12.00
N ASP D 136 -19.65 35.34 10.78
CA ASP D 136 -20.24 36.72 10.63
C ASP D 136 -21.57 36.82 11.38
N SER D 137 -22.22 35.69 11.64
CA SER D 137 -23.53 35.66 12.32
C SER D 137 -23.38 35.80 13.84
N THR D 138 -22.14 35.76 14.37
CA THR D 138 -21.86 35.90 15.83
C THR D 138 -21.37 37.33 16.13
N ASP D 139 -21.20 37.70 17.40
CA ASP D 139 -20.56 39.00 17.74
C ASP D 139 -19.28 38.76 18.55
N ALA D 140 -18.67 37.58 18.44
CA ALA D 140 -17.40 37.23 19.11
C ALA D 140 -16.21 37.81 18.35
N ASP D 141 -15.17 38.18 19.10
CA ASP D 141 -13.80 38.29 18.57
C ASP D 141 -13.36 36.89 18.17
N VAL D 142 -13.07 36.72 16.88
CA VAL D 142 -12.55 35.47 16.31
C VAL D 142 -11.05 35.63 16.08
N VAL D 143 -10.29 34.69 16.60
CA VAL D 143 -8.84 34.61 16.40
C VAL D 143 -8.52 33.27 15.72
N ILE D 144 -8.06 33.39 14.48
CA ILE D 144 -7.69 32.25 13.61
C ILE D 144 -6.24 31.88 13.88
N TYR D 145 -5.95 30.61 14.13
CA TYR D 145 -4.58 30.09 14.43
C TYR D 145 -4.08 29.31 13.23
N CYS D 146 -2.83 29.56 12.82
CA CYS D 146 -2.14 28.85 11.72
C CYS D 146 -0.70 28.62 12.14
N ARG D 147 0.03 27.81 11.38
CA ARG D 147 1.44 27.37 11.64
C ARG D 147 2.42 28.08 10.70
N ASP D 148 1.96 28.43 9.50
CA ASP D 148 2.84 28.76 8.34
C ASP D 148 2.83 30.27 8.07
N LYS D 149 4.00 30.85 7.77
CA LYS D 149 4.14 32.33 7.57
C LYS D 149 3.37 32.79 6.34
N GLU D 150 3.44 32.04 5.24
CA GLU D 150 2.74 32.41 3.98
C GLU D 150 1.22 32.33 4.24
N TRP D 151 0.79 31.30 4.98
CA TRP D 151 -0.65 31.18 5.37
C TRP D 151 -1.05 32.32 6.28
N GLU D 152 -0.20 32.70 7.24
CA GLU D 152 -0.46 33.89 8.12
C GLU D 152 -0.70 35.13 7.24
N LYS D 153 0.20 35.39 6.29
CA LYS D 153 0.12 36.61 5.44
C LYS D 153 -1.19 36.55 4.63
N LYS D 154 -1.47 35.40 4.02
CA LYS D 154 -2.66 35.17 3.16
C LYS D 154 -3.94 35.35 3.98
N ILE D 155 -4.01 34.76 5.18
CA ILE D 155 -5.23 34.93 6.02
C ILE D 155 -5.37 36.41 6.39
N SER D 156 -4.28 37.07 6.77
CA SER D 156 -4.24 38.51 7.15
C SER D 156 -4.76 39.37 5.99
N GLU D 157 -4.24 39.14 4.77
CA GLU D 157 -4.69 39.84 3.54
C GLU D 157 -6.20 39.64 3.38
N ALA D 158 -6.73 38.42 3.58
CA ALA D 158 -8.18 38.16 3.40
C ALA D 158 -9.02 38.93 4.42
N ILE D 159 -8.55 39.05 5.67
CA ILE D 159 -9.27 39.81 6.72
C ILE D 159 -9.32 41.29 6.29
N GLN D 160 -8.19 41.83 5.85
CA GLN D 160 -8.04 43.25 5.43
C GLN D 160 -9.04 43.50 4.31
N MET D 161 -9.00 42.67 3.27
CA MET D 161 -9.74 42.81 1.98
C MET D 161 -11.25 42.53 2.17
N ARG D 162 -11.78 42.54 3.39
CA ARG D 162 -13.24 42.54 3.67
C ARG D 162 -13.71 43.82 4.35
N THR D 163 -12.85 44.38 5.21
CA THR D 163 -13.12 45.63 6.00
C THR D 163 -13.24 46.82 5.03
S DMS E . 6.11 3.67 -5.90
O DMS E . 5.85 3.94 -4.40
C1 DMS E . 7.66 2.93 -6.06
C2 DMS E . 6.50 5.25 -6.64
S DMS F . 24.50 7.99 -0.47
O DMS F . 23.38 8.69 0.27
C1 DMS F . 25.38 7.10 0.79
C2 DMS F . 25.70 9.25 -0.75
S DMS G . 30.74 -0.80 -7.21
O DMS G . 30.69 -1.02 -5.72
C1 DMS G . 30.85 -2.41 -7.96
C2 DMS G . 32.38 -0.25 -7.57
C TRS H . 28.71 8.23 16.65
C1 TRS H . 28.58 6.72 16.55
C2 TRS H . 27.34 8.89 16.65
C3 TRS H . 29.50 8.63 17.91
N TRS H . 29.45 8.72 15.44
O1 TRS H . 29.84 6.05 16.52
O2 TRS H . 26.62 8.69 17.86
O3 TRS H . 30.10 9.91 17.78
S DMS I . 9.82 2.25 14.85
O DMS I . 10.43 0.95 14.42
C1 DMS I . 9.66 3.24 13.40
C2 DMS I . 11.14 3.18 15.62
S DMS J . 26.75 1.36 -1.74
O DMS J . 25.90 1.72 -0.54
C1 DMS J . 26.06 2.24 -3.11
C2 DMS J . 26.20 -0.26 -2.23
S DMS K . 24.42 -16.55 -2.75
O DMS K . 22.97 -16.51 -2.47
C1 DMS K . 24.53 -17.32 -4.36
C2 DMS K . 25.13 -17.81 -1.73
CL CL L . 27.87 4.44 -0.32
CL CL M . 27.71 -3.53 -6.37
CL CL N . 16.53 -4.85 -10.84
S DMS O . 20.19 -6.74 -12.46
O DMS O . 20.42 -5.42 -11.73
C1 DMS O . 18.55 -7.26 -12.03
C2 DMS O . 19.86 -6.34 -14.17
S DMS P . 2.66 -8.19 -25.38
O DMS P . 3.57 -9.23 -24.79
C1 DMS P . 1.64 -7.59 -24.06
C2 DMS P . 1.40 -9.10 -26.25
S DMS Q . 8.11 -7.67 -25.85
O DMS Q . 9.25 -7.72 -24.86
C1 DMS Q . 8.05 -9.25 -26.62
C2 DMS Q . 8.75 -6.77 -27.23
S DMS R . -3.59 -5.43 -28.60
O DMS R . -2.88 -6.70 -28.18
C1 DMS R . -5.33 -5.73 -28.39
C2 DMS R . -3.56 -5.36 -30.36
CL CL S . -4.60 -7.79 -25.07
CL CL T . 4.63 -9.25 -28.31
S DMS U . -10.79 -13.08 5.35
O DMS U . -11.37 -11.84 4.74
C1 DMS U . -11.59 -13.28 6.91
C2 DMS U . -11.52 -14.44 4.50
CL CL V . -10.66 -14.80 12.09
CL CL W . -5.48 -6.54 -10.84
CL CL X . -8.29 -13.29 2.41
S DMS Y . -30.07 -16.68 0.31
O DMS Y . -29.74 -15.55 -0.68
C1 DMS Y . -28.91 -16.57 1.63
C2 DMS Y . -29.42 -18.18 -0.43
S DMS Z . -10.40 -14.65 -1.58
O DMS Z . -10.58 -13.16 -1.60
C1 DMS Z . -11.66 -15.30 -2.63
C2 DMS Z . -11.03 -15.20 -0.01
S DMS AA . 1.00 3.67 3.12
O DMS AA . 1.55 2.48 2.37
C1 DMS AA . 0.18 4.67 1.91
C2 DMS AA . 2.39 4.73 3.41
N EVD BA . -18.27 -15.39 6.84
O EVD BA . -17.64 -16.67 9.75
S EVD BA . -17.76 -16.88 7.09
O1 EVD BA . -18.52 -17.75 6.26
C2 EVD BA . -18.23 -17.33 8.70
O2 EVD BA . -16.33 -16.88 7.03
C3 EVD BA . -19.11 -18.27 9.14
C4 EVD BA . -19.78 -18.83 11.63
C5 EVD BA . -19.55 -18.44 12.94
C6 EVD BA . -18.61 -17.46 13.23
C7 EVD BA . -17.91 -16.83 12.20
C8 EVD BA . -18.17 -17.23 10.91
C9 EVD BA . -19.08 -18.22 10.58
S DMS CA . -7.46 -16.61 10.39
O DMS CA . -7.51 -17.15 11.80
C1 DMS CA . -8.69 -17.50 9.49
C2 DMS CA . -6.02 -17.33 9.65
S DMS DA . -5.70 21.89 10.15
O DMS DA . -4.61 20.92 10.54
C1 DMS DA . -5.24 23.46 10.86
C2 DMS DA . -7.06 21.52 11.22
C TRS EA . -24.77 15.31 8.63
C1 TRS EA . -25.75 14.25 8.11
C2 TRS EA . -24.99 16.62 7.86
C3 TRS EA . -24.91 15.55 10.14
N TRS EA . -23.37 14.81 8.34
O1 TRS EA . -25.38 13.82 6.80
O2 TRS EA . -24.12 17.66 8.28
O3 TRS EA . -25.23 14.38 10.89
S DMS FA . -0.82 20.46 30.19
O DMS FA . -0.72 21.36 28.98
C1 DMS FA . -0.19 18.86 29.70
C2 DMS FA . -2.54 20.03 30.44
S DMS GA . -7.28 15.18 12.06
O DMS GA . -7.40 14.73 13.49
C1 DMS GA . -5.82 16.16 11.99
C2 DMS GA . -8.48 16.48 11.81
S DMS HA . -22.09 21.98 27.24
O DMS HA . -21.68 23.36 26.78
C1 DMS HA . -20.59 21.08 27.53
C2 DMS HA . -22.63 21.11 25.80
CL CL IA . -0.99 26.56 8.53
CL CL JA . -7.36 18.85 8.92
N EVD KA . -14.02 33.34 29.54
O EVD KA . -16.04 30.11 30.42
S EVD KA . -14.07 31.89 30.17
O1 EVD KA . -14.03 32.03 31.59
C2 EVD KA . -15.63 31.25 29.78
O2 EVD KA . -13.11 31.07 29.50
C3 EVD KA . -16.58 31.66 28.89
C4 EVD KA . -18.88 30.51 28.29
C5 EVD KA . -19.67 29.41 28.62
C6 EVD KA . -19.26 28.50 29.59
C7 EVD KA . -18.05 28.68 30.25
C8 EVD KA . -17.28 29.78 29.91
C9 EVD KA . -17.65 30.71 28.95
N EVD LA . -1.39 23.65 17.06
O EVD LA . 0.89 25.11 15.67
S EVD LA . -0.23 22.83 16.35
O1 EVD LA . 0.17 21.78 17.23
C2 EVD LA . 1.06 23.95 16.38
O2 EVD LA . -0.64 22.55 15.01
C3 EVD LA . 2.28 23.91 16.98
C4 EVD LA . 4.18 25.74 16.90
C5 EVD LA . 4.47 26.99 16.37
C6 EVD LA . 3.56 27.65 15.56
C7 EVD LA . 2.32 27.09 15.28
C8 EVD LA . 2.05 25.84 15.82
C9 EVD LA . 2.95 25.15 16.62
#